data_6WNC
#
_entry.id   6WNC
#
_cell.length_a   74.730
_cell.length_b   96.932
_cell.length_c   80.809
_cell.angle_alpha   90.000
_cell.angle_beta   106.967
_cell.angle_gamma   90.000
#
_symmetry.space_group_name_H-M   'P 1 21 1'
#
loop_
_entity.id
_entity.type
_entity.pdbx_description
1 polymer SxtDIOX
2 non-polymer 'FE2/S2 (INORGANIC) CLUSTER'
3 non-polymer GLYCEROL
4 non-polymer 'FE (III) ION'
5 water water
#
_entity_poly.entity_id   1
_entity_poly.type   'polypeptide(L)'
_entity_poly.pdbx_seq_one_letter_code
;MTTADLILINNWYVVAKVEDCRPGSITTAHLLGVKLVLWRSHEQNSPIQVWQDYCPHRGVPLSMGEVANNTLVCPYHGWR
YNQAGKCVQIPAHPDMVPPASAQAKTYHCQERYGLVWVCLGNPVNDIPSFPEWDDPNYHKTYTKSYLIQASPFRVMDNSI
DVSHFPFIHEGILGDRNHAEVEDLEVKVDKDGLTMGKYQVHTSKFNNSTKDDSMVNWFRLSHPLCQYCSTEASEMRTVDL
MVVTPIDEDNSVLRYLIMWNGSKTLESKILADYDQVIEEDIRILHSQQPTRLPLLSPKQINTQGLPQEIHVPSDRCTVAY
RRWLKELGVTYGVC
;
_entity_poly.pdbx_strand_id   A,B,C
#
# COMPACT_ATOMS: atom_id res chain seq x y z
N THR A 2 -34.73 -13.92 25.66
CA THR A 2 -35.22 -15.19 26.27
C THR A 2 -36.15 -15.90 25.29
N THR A 3 -37.11 -15.28 24.61
CA THR A 3 -37.74 -15.98 23.46
C THR A 3 -36.97 -15.62 22.19
N ALA A 4 -35.99 -14.72 22.30
CA ALA A 4 -35.16 -14.25 21.17
C ALA A 4 -34.37 -15.40 20.57
N ASP A 5 -34.18 -15.32 19.28
CA ASP A 5 -33.47 -16.32 18.51
C ASP A 5 -31.99 -16.35 18.89
N LEU A 6 -31.40 -17.54 18.75
CA LEU A 6 -30.00 -17.76 19.10
C LEU A 6 -29.06 -16.82 18.37
N ILE A 7 -29.30 -16.61 17.06
CA ILE A 7 -28.49 -15.69 16.29
C ILE A 7 -28.51 -14.29 16.90
N LEU A 8 -29.60 -13.92 17.58
CA LEU A 8 -29.62 -12.65 18.30
C LEU A 8 -28.98 -12.78 19.68
N ILE A 9 -29.19 -13.91 20.36
CA ILE A 9 -28.58 -14.15 21.68
C ILE A 9 -27.07 -14.03 21.63
N ASN A 10 -26.43 -14.40 20.52
CA ASN A 10 -24.98 -14.53 20.50
C ASN A 10 -24.28 -13.31 19.90
N ASN A 11 -25.00 -12.22 19.67
CA ASN A 11 -24.39 -10.98 19.21
C ASN A 11 -24.27 -9.98 20.36
N TRP A 12 -23.50 -8.93 20.12
CA TRP A 12 -23.22 -7.86 21.09
C TRP A 12 -24.16 -6.67 20.87
N TYR A 13 -24.64 -6.09 21.96
CA TYR A 13 -25.47 -4.90 21.83
C TYR A 13 -25.03 -3.87 22.84
N VAL A 14 -25.23 -2.59 22.48
CA VAL A 14 -24.94 -1.50 23.41
C VAL A 14 -26.11 -1.37 24.38
N VAL A 15 -25.79 -1.21 25.67
CA VAL A 15 -26.82 -1.03 26.69
C VAL A 15 -26.63 0.25 27.47
N ALA A 16 -25.48 0.90 27.35
CA ALA A 16 -25.18 2.06 28.18
C ALA A 16 -23.97 2.77 27.61
N LYS A 17 -23.73 3.99 28.08
CA LYS A 17 -22.47 4.67 27.87
C LYS A 17 -21.57 4.43 29.06
N VAL A 18 -20.27 4.26 28.79
CA VAL A 18 -19.35 3.94 29.87
C VAL A 18 -19.34 5.05 30.91
N GLU A 19 -19.51 6.30 30.47
CA GLU A 19 -19.44 7.39 31.44
C GLU A 19 -20.61 7.38 32.41
N ASP A 20 -21.67 6.64 32.13
CA ASP A 20 -22.77 6.53 33.08
C ASP A 20 -22.59 5.40 34.08
N CYS A 21 -21.55 4.59 33.93
CA CYS A 21 -21.22 3.48 34.82
C CYS A 21 -20.02 3.93 35.66
N ARG A 22 -20.25 4.74 36.67
CA ARG A 22 -19.14 5.21 37.48
C ARG A 22 -18.84 4.23 38.61
N PRO A 23 -17.65 4.31 39.20
CA PRO A 23 -17.30 3.36 40.25
C PRO A 23 -18.29 3.43 41.40
N GLY A 24 -18.65 2.26 41.92
CA GLY A 24 -19.67 2.15 42.95
C GLY A 24 -21.09 2.23 42.47
N SER A 25 -21.33 2.60 41.21
CA SER A 25 -22.67 2.83 40.71
C SER A 25 -23.44 1.53 40.47
N ILE A 26 -24.75 1.67 40.46
CA ILE A 26 -25.68 0.62 40.07
C ILE A 26 -26.62 1.25 39.05
N THR A 27 -26.69 0.67 37.85
CA THR A 27 -27.63 1.13 36.85
C THR A 27 -28.35 -0.07 36.26
N THR A 28 -29.36 0.21 35.44
CA THR A 28 -30.17 -0.83 34.82
C THR A 28 -30.26 -0.63 33.31
N ALA A 29 -30.62 -1.72 32.63
CA ALA A 29 -30.90 -1.71 31.22
C ALA A 29 -31.88 -2.84 30.95
N HIS A 30 -32.27 -2.93 29.70
CA HIS A 30 -33.24 -3.94 29.25
C HIS A 30 -32.77 -4.48 27.91
N LEU A 31 -32.64 -5.79 27.80
CA LEU A 31 -32.09 -6.34 26.57
C LEU A 31 -32.80 -7.63 26.19
N LEU A 32 -33.43 -7.66 25.02
CA LEU A 32 -34.07 -8.86 24.50
C LEU A 32 -35.07 -9.45 25.49
N GLY A 33 -35.81 -8.57 26.16
CA GLY A 33 -36.73 -9.05 27.17
C GLY A 33 -36.12 -9.42 28.51
N VAL A 34 -34.83 -9.20 28.72
CA VAL A 34 -34.22 -9.51 30.02
C VAL A 34 -33.88 -8.20 30.74
N LYS A 35 -34.23 -8.14 32.03
CA LYS A 35 -33.83 -6.93 32.77
C LYS A 35 -32.48 -7.15 33.43
N LEU A 36 -31.64 -6.13 33.26
CA LEU A 36 -30.22 -6.21 33.58
C LEU A 36 -29.86 -5.20 34.66
N VAL A 37 -28.82 -5.55 35.44
CA VAL A 37 -28.17 -4.61 36.39
C VAL A 37 -26.70 -4.54 35.97
N LEU A 38 -26.15 -3.31 35.89
CA LEU A 38 -24.81 -2.91 35.42
C LEU A 38 -24.08 -2.26 36.61
N TRP A 39 -23.20 -2.87 37.40
CA TRP A 39 -22.55 -2.14 38.52
C TRP A 39 -21.04 -2.34 38.50
N ARG A 40 -20.35 -1.55 39.33
CA ARG A 40 -18.90 -1.57 39.50
C ARG A 40 -18.57 -1.38 40.98
N SER A 41 -17.44 -1.96 41.41
CA SER A 41 -16.89 -1.69 42.72
C SER A 41 -16.38 -0.24 42.78
N HIS A 42 -16.10 0.23 44.00
CA HIS A 42 -15.57 1.57 44.19
C HIS A 42 -14.10 1.71 43.82
N GLU A 43 -13.48 0.59 43.46
CA GLU A 43 -12.04 0.69 43.12
C GLU A 43 -11.94 1.35 41.75
N GLN A 44 -10.99 2.28 41.65
CA GLN A 44 -10.68 3.00 40.41
C GLN A 44 -10.15 1.93 39.46
N ASN A 45 -10.72 1.90 38.25
CA ASN A 45 -10.41 0.92 37.17
C ASN A 45 -11.00 -0.45 37.51
N SER A 46 -12.05 -0.50 38.35
CA SER A 46 -12.76 -1.79 38.59
C SER A 46 -13.61 -2.10 37.35
N PRO A 47 -13.88 -3.38 37.00
CA PRO A 47 -14.66 -3.72 35.80
C PRO A 47 -16.19 -3.62 35.95
N ILE A 48 -16.93 -3.67 34.83
CA ILE A 48 -18.39 -3.60 34.89
C ILE A 48 -18.95 -5.00 34.87
N GLN A 49 -19.81 -5.30 35.83
CA GLN A 49 -20.59 -6.53 35.85
C GLN A 49 -21.95 -6.25 35.25
N VAL A 50 -22.45 -7.17 34.42
CA VAL A 50 -23.80 -7.07 33.87
C VAL A 50 -24.53 -8.37 34.18
N TRP A 51 -25.50 -8.31 35.08
CA TRP A 51 -26.25 -9.47 35.51
C TRP A 51 -27.73 -9.31 35.18
N GLN A 52 -28.44 -10.44 35.17
CA GLN A 52 -29.89 -10.39 35.25
C GLN A 52 -30.31 -9.79 36.57
N ASP A 53 -31.24 -8.82 36.53
CA ASP A 53 -31.60 -8.03 37.71
C ASP A 53 -32.56 -8.84 38.58
N TYR A 54 -32.01 -9.81 39.32
CA TYR A 54 -32.85 -10.80 39.97
C TYR A 54 -32.06 -11.47 41.08
N CYS A 55 -32.49 -11.33 42.33
CA CYS A 55 -31.99 -12.13 43.44
C CYS A 55 -32.68 -13.48 43.44
N PRO A 56 -31.97 -14.61 43.36
CA PRO A 56 -32.65 -15.90 43.28
C PRO A 56 -33.23 -16.40 44.60
N HIS A 57 -33.05 -15.66 45.69
CA HIS A 57 -33.63 -16.06 46.96
C HIS A 57 -35.14 -15.81 46.99
N ARG A 58 -35.57 -14.55 46.90
CA ARG A 58 -37.01 -14.27 46.85
C ARG A 58 -37.37 -13.29 45.71
N GLY A 59 -36.60 -13.28 44.62
CA GLY A 59 -37.05 -12.63 43.40
C GLY A 59 -37.07 -11.10 43.42
N VAL A 60 -36.21 -10.47 44.19
CA VAL A 60 -36.07 -9.01 44.34
C VAL A 60 -35.07 -8.49 43.31
N PRO A 61 -35.27 -7.34 42.67
CA PRO A 61 -34.20 -6.76 41.83
C PRO A 61 -32.96 -6.43 42.66
N LEU A 62 -31.81 -6.99 42.27
CA LEU A 62 -30.59 -6.57 42.96
C LEU A 62 -30.25 -5.12 42.65
N SER A 63 -30.79 -4.54 41.58
CA SER A 63 -30.49 -3.15 41.33
C SER A 63 -31.14 -2.23 42.35
N MET A 64 -32.00 -2.75 43.21
CA MET A 64 -32.43 -1.97 44.37
C MET A 64 -31.47 -2.11 45.55
N GLY A 65 -30.31 -2.72 45.34
CA GLY A 65 -29.37 -2.99 46.43
C GLY A 65 -28.33 -1.90 46.59
N GLU A 66 -27.18 -2.28 47.15
CA GLU A 66 -26.05 -1.39 47.56
C GLU A 66 -24.71 -2.06 47.21
N VAL A 67 -23.75 -1.38 46.56
CA VAL A 67 -22.43 -1.93 46.29
C VAL A 67 -21.60 -1.73 47.55
N ALA A 68 -21.05 -2.85 48.05
CA ALA A 68 -20.16 -2.85 49.24
C ALA A 68 -18.92 -3.74 49.01
N ASN A 69 -17.76 -3.28 49.43
CA ASN A 69 -16.51 -4.09 49.46
C ASN A 69 -16.40 -5.08 48.30
N ASN A 70 -16.57 -4.60 47.08
CA ASN A 70 -16.51 -5.47 45.87
C ASN A 70 -17.68 -6.46 45.86
N THR A 71 -18.80 -6.18 46.51
CA THR A 71 -19.95 -7.08 46.43
C THR A 71 -21.20 -6.29 46.15
N LEU A 72 -22.18 -6.93 45.51
CA LEU A 72 -23.52 -6.35 45.35
C LEU A 72 -24.44 -6.99 46.39
N VAL A 73 -25.15 -6.15 47.13
CA VAL A 73 -25.85 -6.60 48.33
C VAL A 73 -27.35 -6.50 48.08
N CYS A 74 -28.01 -7.64 48.13
CA CYS A 74 -29.47 -7.66 48.01
C CYS A 74 -30.11 -6.85 49.15
N PRO A 75 -31.04 -5.94 48.85
CA PRO A 75 -31.62 -5.11 49.92
C PRO A 75 -32.50 -5.88 50.87
N TYR A 76 -32.97 -7.05 50.48
CA TYR A 76 -34.06 -7.69 51.20
C TYR A 76 -33.54 -8.55 52.36
N HIS A 77 -32.62 -9.49 52.10
CA HIS A 77 -31.98 -10.23 53.19
C HIS A 77 -30.47 -10.03 53.24
N GLY A 78 -29.92 -9.10 52.47
CA GLY A 78 -28.53 -8.74 52.64
C GLY A 78 -27.52 -9.70 52.06
N TRP A 79 -27.94 -10.65 51.23
CA TRP A 79 -26.98 -11.54 50.59
C TRP A 79 -26.02 -10.74 49.71
N ARG A 80 -24.74 -11.08 49.82
CA ARG A 80 -23.67 -10.42 49.10
C ARG A 80 -23.16 -11.29 47.95
N TYR A 81 -23.13 -10.72 46.76
CA TYR A 81 -22.66 -11.40 45.55
C TYR A 81 -21.33 -10.79 45.13
N ASN A 82 -20.34 -11.65 44.86
CA ASN A 82 -19.04 -11.13 44.48
C ASN A 82 -19.04 -10.79 42.99
N GLN A 83 -17.88 -10.36 42.46
CA GLN A 83 -17.87 -9.89 41.08
C GLN A 83 -18.10 -11.00 40.07
N ALA A 84 -17.94 -12.26 40.44
CA ALA A 84 -18.36 -13.38 39.60
C ALA A 84 -19.82 -13.79 39.82
N GLY A 85 -20.58 -13.05 40.63
CA GLY A 85 -21.98 -13.37 40.82
C GLY A 85 -22.25 -14.51 41.78
N LYS A 86 -21.25 -14.95 42.52
CA LYS A 86 -21.44 -15.98 43.53
C LYS A 86 -21.78 -15.31 44.84
N CYS A 87 -22.78 -15.83 45.54
CA CYS A 87 -23.16 -15.40 46.87
C CYS A 87 -22.06 -15.80 47.84
N VAL A 88 -21.33 -14.87 48.46
CA VAL A 88 -20.23 -15.03 49.39
C VAL A 88 -20.64 -14.97 50.86
N GLN A 89 -21.80 -14.36 51.15
CA GLN A 89 -22.22 -14.13 52.54
C GLN A 89 -23.74 -14.11 52.66
N ILE A 90 -24.31 -14.87 53.58
CA ILE A 90 -25.72 -14.85 53.95
C ILE A 90 -25.80 -14.38 55.39
N PRO A 91 -26.25 -13.14 55.63
CA PRO A 91 -26.15 -12.58 57.00
C PRO A 91 -26.89 -13.36 58.08
N ALA A 92 -28.00 -14.03 57.75
CA ALA A 92 -28.70 -14.81 58.78
C ALA A 92 -27.87 -15.99 59.27
N HIS A 93 -26.93 -16.50 58.47
CA HIS A 93 -26.14 -17.68 58.82
C HIS A 93 -24.69 -17.36 58.52
N PRO A 94 -24.09 -16.43 59.27
CA PRO A 94 -22.81 -15.84 58.84
C PRO A 94 -21.65 -16.84 58.83
N ASP A 95 -21.84 -18.02 59.41
CA ASP A 95 -20.78 -19.07 59.49
C ASP A 95 -21.04 -20.16 58.44
N MET A 96 -21.98 -19.93 57.50
CA MET A 96 -22.40 -20.96 56.57
C MET A 96 -21.87 -20.66 55.18
N VAL A 97 -21.40 -21.69 54.50
CA VAL A 97 -20.99 -21.60 53.10
C VAL A 97 -22.27 -21.45 52.28
N PRO A 98 -22.44 -20.39 51.49
CA PRO A 98 -23.65 -20.26 50.68
C PRO A 98 -23.74 -21.36 49.63
N PRO A 99 -24.92 -21.94 49.45
CA PRO A 99 -25.06 -23.04 48.51
C PRO A 99 -24.83 -22.62 47.06
N ALA A 100 -24.59 -23.61 46.21
CA ALA A 100 -24.11 -23.37 44.87
C ALA A 100 -25.12 -22.61 44.02
N SER A 101 -26.40 -22.86 44.24
CA SER A 101 -27.43 -22.19 43.46
C SER A 101 -27.60 -20.72 43.86
N ALA A 102 -26.97 -20.27 44.94
CA ALA A 102 -27.01 -18.86 45.31
C ALA A 102 -26.00 -18.16 44.42
N GLN A 103 -26.48 -17.75 43.25
CA GLN A 103 -25.57 -17.43 42.16
C GLN A 103 -26.33 -16.55 41.19
N ALA A 104 -25.78 -15.39 40.88
CA ALA A 104 -26.40 -14.51 39.90
C ALA A 104 -26.17 -15.04 38.50
N LYS A 105 -27.16 -14.87 37.63
CA LYS A 105 -27.03 -15.10 36.20
C LYS A 105 -26.20 -13.95 35.65
N THR A 106 -24.98 -14.22 35.17
CA THR A 106 -24.08 -13.19 34.70
C THR A 106 -24.00 -13.25 33.17
N TYR A 107 -23.64 -12.13 32.57
CA TYR A 107 -23.49 -12.05 31.13
C TYR A 107 -22.16 -11.41 30.76
N HIS A 108 -21.75 -11.67 29.52
CA HIS A 108 -20.53 -11.07 28.99
C HIS A 108 -20.70 -9.58 28.75
N CYS A 109 -19.66 -8.84 29.07
CA CYS A 109 -19.66 -7.40 28.92
C CYS A 109 -18.28 -6.96 28.49
N GLN A 110 -18.25 -6.03 27.54
CA GLN A 110 -16.99 -5.40 27.16
C GLN A 110 -17.24 -3.92 26.88
N GLU A 111 -16.22 -3.12 27.17
CA GLU A 111 -16.23 -1.71 26.82
C GLU A 111 -15.52 -1.53 25.48
N ARG A 112 -16.08 -0.67 24.63
CA ARG A 112 -15.46 -0.36 23.35
C ARG A 112 -16.09 0.91 22.79
N TYR A 113 -15.29 1.85 22.31
CA TYR A 113 -15.77 3.11 21.73
C TYR A 113 -16.54 3.94 22.74
N GLY A 114 -16.27 3.71 24.03
CA GLY A 114 -16.94 4.44 25.09
C GLY A 114 -18.32 3.90 25.41
N LEU A 115 -18.69 2.73 24.89
CA LEU A 115 -20.00 2.14 25.07
C LEU A 115 -19.87 0.82 25.83
N VAL A 116 -20.93 0.45 26.55
CA VAL A 116 -20.98 -0.82 27.28
C VAL A 116 -21.68 -1.82 26.39
N TRP A 117 -20.97 -2.84 25.95
CA TRP A 117 -21.50 -3.85 25.04
C TRP A 117 -21.78 -5.12 25.82
N VAL A 118 -22.89 -5.78 25.50
CA VAL A 118 -23.38 -6.93 26.26
C VAL A 118 -23.71 -8.05 25.28
N CYS A 119 -23.34 -9.27 25.63
CA CYS A 119 -23.77 -10.47 24.94
C CYS A 119 -24.44 -11.38 25.95
N LEU A 120 -25.72 -11.68 25.75
CA LEU A 120 -26.44 -12.55 26.67
C LEU A 120 -26.12 -14.02 26.42
N GLY A 121 -25.50 -14.36 25.31
CA GLY A 121 -25.27 -15.76 25.02
C GLY A 121 -23.79 -16.10 25.04
N ASN A 122 -23.33 -16.73 23.94
CA ASN A 122 -21.87 -16.95 23.91
C ASN A 122 -21.30 -16.21 22.68
N PRO A 123 -20.30 -15.36 23.00
CA PRO A 123 -19.72 -14.46 22.01
C PRO A 123 -18.90 -15.18 20.92
N VAL A 124 -19.45 -15.25 19.70
CA VAL A 124 -18.68 -15.90 18.60
C VAL A 124 -18.05 -14.79 17.74
N ASN A 125 -18.82 -13.84 17.27
CA ASN A 125 -18.18 -12.74 16.51
C ASN A 125 -17.73 -11.68 17.50
N ASP A 126 -16.87 -10.78 17.04
CA ASP A 126 -16.49 -9.69 17.91
C ASP A 126 -17.42 -8.50 17.72
N ILE A 127 -17.24 -7.54 18.61
CA ILE A 127 -17.92 -6.25 18.50
C ILE A 127 -17.60 -5.64 17.14
N PRO A 128 -18.58 -5.09 16.41
CA PRO A 128 -18.30 -4.56 15.07
C PRO A 128 -17.11 -3.59 15.04
N SER A 129 -16.44 -3.56 13.89
CA SER A 129 -15.31 -2.65 13.68
C SER A 129 -15.78 -1.21 13.54
N PHE A 130 -14.92 -0.29 13.92
CA PHE A 130 -15.20 1.14 13.73
C PHE A 130 -13.85 1.82 13.53
N PRO A 131 -13.34 1.82 12.31
CA PRO A 131 -11.92 2.18 12.09
C PRO A 131 -11.54 3.57 12.56
N GLU A 132 -12.42 4.55 12.43
CA GLU A 132 -12.04 5.91 12.78
C GLU A 132 -11.81 6.09 14.28
N TRP A 133 -12.29 5.18 15.11
CA TRP A 133 -12.04 5.30 16.55
C TRP A 133 -10.54 5.43 16.83
N ASP A 134 -9.69 4.68 16.13
CA ASP A 134 -8.25 4.80 16.27
C ASP A 134 -7.63 5.92 15.42
N ASP A 135 -8.43 6.83 14.87
CA ASP A 135 -7.88 7.87 14.00
C ASP A 135 -7.96 9.20 14.72
N PRO A 136 -6.86 9.70 15.29
CA PRO A 136 -6.94 10.95 16.07
C PRO A 136 -7.17 12.18 15.21
N ASN A 137 -7.11 12.06 13.88
CA ASN A 137 -7.61 13.13 13.03
C ASN A 137 -9.11 13.36 13.15
N TYR A 138 -9.85 12.42 13.74
CA TYR A 138 -11.30 12.52 13.89
C TYR A 138 -11.67 12.83 15.33
N HIS A 139 -12.52 13.84 15.52
CA HIS A 139 -13.13 14.17 16.81
C HIS A 139 -14.37 13.33 17.00
N LYS A 140 -14.76 13.10 18.25
CA LYS A 140 -15.90 12.23 18.51
C LYS A 140 -16.96 12.95 19.34
N THR A 141 -18.19 12.45 19.22
CA THR A 141 -19.31 12.97 20.00
C THR A 141 -20.43 11.94 19.98
N TYR A 142 -21.32 12.05 20.95
CA TYR A 142 -22.37 11.07 21.21
C TYR A 142 -23.71 11.78 21.23
N THR A 143 -24.69 11.25 20.51
CA THR A 143 -26.04 11.75 20.74
C THR A 143 -26.54 11.26 22.10
N LYS A 144 -27.63 11.87 22.55
CA LYS A 144 -28.38 11.26 23.63
C LYS A 144 -29.00 9.95 23.12
N SER A 145 -29.44 9.13 24.05
CA SER A 145 -30.21 7.95 23.69
C SER A 145 -31.65 8.34 23.38
N TYR A 146 -32.29 7.58 22.51
CA TYR A 146 -33.68 7.82 22.17
C TYR A 146 -34.47 6.55 22.43
N LEU A 147 -35.39 6.60 23.39
CA LEU A 147 -36.32 5.50 23.61
C LEU A 147 -37.42 5.55 22.54
N ILE A 148 -37.62 4.46 21.80
CA ILE A 148 -38.54 4.44 20.66
C ILE A 148 -39.49 3.27 20.82
N GLN A 149 -40.77 3.55 20.63
CA GLN A 149 -41.81 2.51 20.68
C GLN A 149 -42.00 1.97 19.27
N ALA A 150 -41.01 1.21 18.85
CA ALA A 150 -40.93 0.56 17.55
C ALA A 150 -40.01 -0.63 17.71
N SER A 151 -40.28 -1.66 16.91
CA SER A 151 -39.40 -2.83 16.75
C SER A 151 -37.97 -2.39 16.48
N PRO A 152 -36.93 -2.98 17.08
CA PRO A 152 -35.55 -2.60 16.72
C PRO A 152 -35.27 -2.78 15.24
N PHE A 153 -35.84 -3.81 14.62
CA PHE A 153 -35.62 -4.03 13.19
C PHE A 153 -36.35 -2.99 12.32
N ARG A 154 -37.47 -2.43 12.77
CA ARG A 154 -38.06 -1.31 12.03
C ARG A 154 -37.18 -0.07 12.16
N VAL A 155 -36.58 0.13 13.34
CA VAL A 155 -35.67 1.26 13.54
C VAL A 155 -34.51 1.18 12.55
N MET A 156 -33.91 -0.01 12.43
CA MET A 156 -32.79 -0.16 11.51
C MET A 156 -33.24 -0.09 10.06
N ASP A 157 -34.42 -0.65 9.76
CA ASP A 157 -34.99 -0.57 8.42
C ASP A 157 -35.12 0.88 7.95
N ASN A 158 -35.60 1.77 8.83
CA ASN A 158 -35.71 3.20 8.49
C ASN A 158 -34.34 3.81 8.20
N SER A 159 -33.31 3.25 8.82
CA SER A 159 -31.92 3.72 8.63
C SER A 159 -31.35 3.15 7.33
N ILE A 160 -31.98 2.09 6.82
CA ILE A 160 -31.43 1.57 5.54
C ILE A 160 -32.34 2.00 4.38
N ASP A 161 -33.39 2.78 4.65
CA ASP A 161 -34.21 3.38 3.57
C ASP A 161 -33.61 4.76 3.20
N VAL A 162 -33.13 4.90 1.97
CA VAL A 162 -32.54 6.16 1.49
C VAL A 162 -33.53 7.05 0.73
N SER A 163 -34.64 6.51 0.26
CA SER A 163 -35.55 7.28 -0.57
C SER A 163 -36.38 8.29 0.23
N HIS A 164 -36.43 8.22 1.55
CA HIS A 164 -37.28 9.18 2.25
C HIS A 164 -36.58 10.49 2.60
N PHE A 165 -35.24 10.62 2.36
CA PHE A 165 -34.51 11.88 2.66
C PHE A 165 -35.28 13.12 2.19
N PRO A 166 -35.61 13.28 0.91
CA PRO A 166 -36.21 14.54 0.46
C PRO A 166 -37.55 14.85 1.08
N PHE A 167 -38.20 13.90 1.74
CA PHE A 167 -39.55 14.10 2.21
C PHE A 167 -39.65 14.45 3.69
N ILE A 168 -39.17 13.59 4.58
CA ILE A 168 -39.25 13.96 5.99
C ILE A 168 -38.00 14.69 6.48
N HIS A 169 -36.90 14.69 5.72
CA HIS A 169 -35.69 15.39 6.13
C HIS A 169 -35.38 16.56 5.20
N GLU A 170 -36.43 17.14 4.62
CA GLU A 170 -36.19 18.25 3.68
C GLU A 170 -35.52 19.38 4.46
N GLY A 171 -34.43 19.90 3.90
CA GLY A 171 -33.69 20.99 4.51
C GLY A 171 -32.38 20.59 5.16
N ILE A 172 -32.17 19.31 5.35
CA ILE A 172 -30.91 18.84 5.98
C ILE A 172 -30.35 17.71 5.13
N LEU A 173 -31.23 16.85 4.61
CA LEU A 173 -30.82 15.61 3.96
C LEU A 173 -31.29 15.45 2.52
N GLY A 174 -32.19 16.32 2.08
CA GLY A 174 -32.66 16.24 0.68
C GLY A 174 -33.65 17.34 0.35
N ASP A 175 -34.05 17.45 -0.92
CA ASP A 175 -35.08 18.47 -1.24
C ASP A 175 -36.15 17.89 -2.18
N ARG A 176 -37.39 18.22 -1.85
CA ARG A 176 -38.54 17.70 -2.62
C ARG A 176 -38.41 18.26 -4.04
N ALA A 179 -36.13 14.62 -5.88
CA ALA A 179 -36.44 13.42 -5.05
C ALA A 179 -36.14 12.12 -5.78
N GLU A 180 -35.68 12.14 -7.03
CA GLU A 180 -35.31 10.93 -7.79
C GLU A 180 -34.24 10.15 -7.03
N VAL A 181 -34.28 8.82 -7.02
CA VAL A 181 -33.24 7.99 -6.40
C VAL A 181 -32.55 7.21 -7.50
N GLU A 182 -31.24 7.36 -7.54
CA GLU A 182 -30.19 6.75 -8.40
C GLU A 182 -30.24 5.23 -8.29
N ASP A 183 -29.70 4.48 -9.24
CA ASP A 183 -29.63 3.03 -8.96
C ASP A 183 -28.67 2.82 -7.80
N LEU A 184 -29.12 1.96 -6.89
CA LEU A 184 -28.37 1.66 -5.65
C LEU A 184 -27.67 0.33 -5.82
N GLU A 185 -26.56 0.13 -5.10
CA GLU A 185 -25.74 -1.11 -5.15
C GLU A 185 -25.90 -1.85 -3.82
N VAL A 186 -26.55 -3.03 -3.82
CA VAL A 186 -26.49 -3.71 -2.48
C VAL A 186 -25.95 -5.12 -2.68
N LYS A 187 -25.09 -5.42 -1.70
CA LYS A 187 -24.16 -6.58 -1.65
C LYS A 187 -24.37 -7.33 -0.34
N VAL A 188 -25.06 -8.48 -0.26
CA VAL A 188 -25.21 -9.22 1.03
C VAL A 188 -24.36 -10.50 0.96
N ASP A 189 -23.28 -10.54 1.73
CA ASP A 189 -22.37 -11.71 1.78
C ASP A 189 -21.94 -11.93 3.23
N LYS A 190 -20.81 -12.61 3.44
CA LYS A 190 -20.30 -12.85 4.81
C LYS A 190 -20.12 -11.51 5.54
N ASP A 191 -19.54 -10.51 4.85
CA ASP A 191 -19.28 -9.18 5.43
C ASP A 191 -20.58 -8.58 5.97
N GLY A 192 -21.72 -9.18 5.70
CA GLY A 192 -22.99 -8.58 6.14
C GLY A 192 -23.67 -7.84 5.00
N LEU A 193 -24.31 -6.71 5.27
CA LEU A 193 -25.01 -5.95 4.24
C LEU A 193 -24.28 -4.64 3.95
N THR A 194 -23.95 -4.43 2.70
CA THR A 194 -23.16 -3.28 2.28
C THR A 194 -23.93 -2.51 1.23
N MET A 195 -23.90 -1.18 1.35
CA MET A 195 -24.57 -0.37 0.30
C MET A 195 -23.49 0.51 -0.36
N GLY A 196 -23.51 0.46 -1.69
CA GLY A 196 -22.50 1.14 -2.47
C GLY A 196 -22.57 2.64 -2.29
N LYS A 197 -21.44 3.29 -2.58
CA LYS A 197 -21.33 4.75 -2.70
C LYS A 197 -22.50 5.32 -3.50
N TYR A 198 -23.19 6.33 -2.99
CA TYR A 198 -24.30 6.93 -3.69
C TYR A 198 -24.36 8.40 -3.30
N GLN A 199 -24.76 9.22 -4.25
CA GLN A 199 -24.81 10.68 -4.03
C GLN A 199 -26.13 11.02 -3.39
N VAL A 200 -26.11 12.00 -2.49
CA VAL A 200 -27.26 12.51 -1.72
C VAL A 200 -27.58 13.94 -2.15
N MET A 214 -22.19 15.52 -1.99
CA MET A 214 -22.35 14.66 -0.82
C MET A 214 -22.44 13.19 -1.19
N VAL A 215 -21.57 12.32 -0.67
CA VAL A 215 -21.47 10.92 -1.06
C VAL A 215 -21.51 10.02 0.17
N ASN A 216 -22.46 9.08 0.21
CA ASN A 216 -22.72 8.25 1.39
C ASN A 216 -22.58 6.78 1.05
N TRP A 217 -22.19 5.99 2.05
CA TRP A 217 -22.31 4.54 1.97
C TRP A 217 -22.34 4.01 3.39
N PHE A 218 -22.74 2.74 3.54
CA PHE A 218 -22.79 2.18 4.88
C PHE A 218 -22.69 0.67 4.83
N ARG A 219 -22.40 0.10 5.99
CA ARG A 219 -22.17 -1.31 6.19
C ARG A 219 -22.88 -1.76 7.46
N LEU A 220 -23.57 -2.88 7.44
CA LEU A 220 -24.01 -3.56 8.64
C LEU A 220 -23.31 -4.91 8.69
N SER A 221 -22.40 -5.08 9.63
CA SER A 221 -21.74 -6.39 9.77
C SER A 221 -22.70 -7.29 10.54
N HIS A 222 -23.50 -6.69 11.40
CA HIS A 222 -24.56 -7.38 12.17
C HIS A 222 -25.87 -6.62 11.98
N PRO A 223 -27.03 -7.26 12.14
CA PRO A 223 -28.31 -6.63 11.86
C PRO A 223 -28.77 -5.41 12.67
N LEU A 224 -28.17 -5.11 13.82
CA LEU A 224 -28.61 -3.95 14.60
C LEU A 224 -27.46 -2.97 14.85
N CYS A 225 -26.39 -3.06 14.07
CA CYS A 225 -25.39 -2.02 14.14
C CYS A 225 -24.94 -1.67 12.73
N GLN A 226 -24.86 -0.36 12.52
CA GLN A 226 -24.64 0.18 11.20
C GLN A 226 -23.44 1.11 11.24
N TYR A 227 -22.60 1.03 10.24
CA TYR A 227 -21.48 1.95 10.08
C TYR A 227 -21.77 2.79 8.84
N CYS A 228 -21.83 4.11 8.98
N CYS A 228 -21.87 4.10 9.00
CA CYS A 228 -22.19 4.98 7.88
CA CYS A 228 -22.18 5.04 7.93
C CYS A 228 -21.12 6.05 7.66
C CYS A 228 -21.02 5.96 7.66
N SER A 229 -20.80 6.29 6.39
CA SER A 229 -19.77 7.21 5.91
C SER A 229 -20.38 8.29 5.03
N THR A 230 -20.11 9.55 5.29
CA THR A 230 -20.53 10.67 4.42
C THR A 230 -19.33 11.57 4.16
N GLU A 231 -19.07 11.82 2.88
CA GLU A 231 -17.94 12.72 2.51
C GLU A 231 -18.50 14.00 1.89
N ALA A 232 -18.17 15.12 2.47
CA ALA A 232 -18.62 16.43 1.95
C ALA A 232 -17.54 17.03 1.07
N SER A 233 -17.76 18.26 0.63
CA SER A 233 -16.78 18.96 -0.25
C SER A 233 -15.61 19.49 0.59
N GLU A 234 -15.63 19.24 1.90
CA GLU A 234 -14.54 19.75 2.78
C GLU A 234 -14.21 18.75 3.90
N MET A 235 -15.06 17.77 4.20
CA MET A 235 -14.72 16.87 5.33
C MET A 235 -15.47 15.53 5.24
N ARG A 236 -15.08 14.60 6.12
CA ARG A 236 -15.68 13.27 6.17
C ARG A 236 -16.30 13.09 7.54
N THR A 237 -17.53 12.60 7.55
CA THR A 237 -18.18 12.25 8.81
C THR A 237 -18.63 10.81 8.74
N VAL A 238 -18.31 10.09 9.80
CA VAL A 238 -18.71 8.71 9.96
C VAL A 238 -19.56 8.61 11.22
N ASP A 239 -20.31 7.52 11.35
CA ASP A 239 -21.00 7.30 12.61
C ASP A 239 -21.29 5.83 12.78
N LEU A 240 -21.34 5.39 14.04
CA LEU A 240 -21.76 4.05 14.41
C LEU A 240 -23.14 4.18 15.03
N MET A 241 -24.14 3.65 14.35
CA MET A 241 -25.51 3.63 14.88
C MET A 241 -25.71 2.31 15.57
N VAL A 242 -25.90 2.32 16.89
CA VAL A 242 -26.08 1.06 17.66
C VAL A 242 -27.44 1.06 18.36
N VAL A 243 -28.36 0.22 17.87
CA VAL A 243 -29.73 0.13 18.46
C VAL A 243 -29.81 -1.05 19.43
N THR A 244 -30.38 -0.77 20.60
CA THR A 244 -30.58 -1.76 21.67
C THR A 244 -31.94 -2.42 21.51
N PRO A 245 -32.02 -3.73 21.31
CA PRO A 245 -33.34 -4.37 21.23
C PRO A 245 -33.97 -4.65 22.60
N ILE A 246 -34.72 -3.72 23.14
CA ILE A 246 -35.27 -3.90 24.52
C ILE A 246 -36.20 -5.10 24.55
N ASP A 247 -37.04 -5.23 23.53
CA ASP A 247 -37.96 -6.37 23.34
C ASP A 247 -38.42 -6.37 21.88
N GLU A 248 -39.48 -7.09 21.60
CA GLU A 248 -39.96 -7.16 20.20
C GLU A 248 -40.54 -5.84 19.68
N ASP A 249 -40.93 -4.94 20.58
CA ASP A 249 -41.71 -3.77 20.20
C ASP A 249 -41.11 -2.47 20.72
N ASN A 250 -39.85 -2.48 21.17
CA ASN A 250 -39.25 -1.32 21.81
C ASN A 250 -37.73 -1.31 21.61
N SER A 251 -37.16 -0.11 21.41
CA SER A 251 -35.77 0.06 21.00
C SER A 251 -35.16 1.26 21.70
N VAL A 252 -33.85 1.23 21.89
CA VAL A 252 -33.08 2.40 22.26
C VAL A 252 -32.14 2.68 21.11
N LEU A 253 -32.04 3.93 20.69
CA LEU A 253 -31.17 4.34 19.61
C LEU A 253 -30.06 5.23 20.15
N ARG A 254 -28.81 4.95 19.75
CA ARG A 254 -27.68 5.83 20.05
C ARG A 254 -26.77 5.94 18.83
N TYR A 255 -26.11 7.09 18.71
CA TYR A 255 -25.11 7.31 17.67
C TYR A 255 -23.78 7.74 18.28
N LEU A 256 -22.70 7.15 17.80
CA LEU A 256 -21.36 7.67 17.99
C LEU A 256 -20.94 8.32 16.69
N ILE A 257 -20.58 9.59 16.72
CA ILE A 257 -20.33 10.34 15.51
C ILE A 257 -18.88 10.82 15.52
N MET A 258 -18.19 10.68 14.39
CA MET A 258 -16.83 11.17 14.27
C MET A 258 -16.69 11.96 12.98
N TRP A 259 -15.96 13.09 13.05
CA TRP A 259 -15.76 13.94 11.89
C TRP A 259 -14.34 14.47 11.93
N ASN A 260 -13.80 14.81 10.76
CA ASN A 260 -12.44 15.34 10.68
C ASN A 260 -12.40 16.83 10.33
N GLY A 261 -13.54 17.51 10.30
CA GLY A 261 -13.57 18.96 10.22
C GLY A 261 -13.27 19.58 11.58
N SER A 262 -13.58 20.87 11.69
CA SER A 262 -13.23 21.61 12.89
C SER A 262 -13.99 21.09 14.12
N LYS A 263 -13.36 21.20 15.29
CA LYS A 263 -13.98 20.68 16.53
C LYS A 263 -15.18 21.53 16.95
N THR A 264 -15.26 22.74 16.44
CA THR A 264 -16.33 23.72 16.70
C THR A 264 -17.69 23.34 16.09
N LEU A 265 -17.74 22.36 15.20
CA LEU A 265 -19.06 22.06 14.59
C LEU A 265 -19.80 20.98 15.38
N GLU A 266 -19.32 20.63 16.57
CA GLU A 266 -19.98 19.56 17.30
C GLU A 266 -21.43 19.90 17.60
N SER A 267 -21.70 21.11 18.10
CA SER A 267 -23.04 21.65 18.38
C SER A 267 -24.00 21.37 17.24
N LYS A 268 -23.59 21.90 16.09
CA LYS A 268 -24.48 21.86 14.94
C LYS A 268 -24.67 20.42 14.46
N ILE A 269 -23.59 19.62 14.38
CA ILE A 269 -23.75 18.20 14.04
C ILE A 269 -24.82 17.56 14.90
N LEU A 270 -24.70 17.73 16.23
CA LEU A 270 -25.64 17.11 17.16
C LEU A 270 -27.05 17.64 16.97
N ALA A 271 -27.18 18.92 16.61
CA ALA A 271 -28.50 19.49 16.34
C ALA A 271 -29.08 18.89 15.08
N ASP A 272 -28.26 18.76 14.02
CA ASP A 272 -28.74 18.14 12.79
C ASP A 272 -29.20 16.71 13.03
N TYR A 273 -28.37 15.90 13.70
CA TYR A 273 -28.78 14.53 13.99
C TYR A 273 -30.05 14.48 14.81
N ASP A 274 -30.12 15.28 15.89
CA ASP A 274 -31.32 15.27 16.71
C ASP A 274 -32.56 15.63 15.88
N GLN A 275 -32.37 16.57 14.95
CA GLN A 275 -33.51 17.04 14.11
C GLN A 275 -34.03 15.90 13.23
N VAL A 276 -33.16 15.30 12.40
CA VAL A 276 -33.56 14.18 11.50
C VAL A 276 -34.12 13.03 12.33
N ILE A 277 -33.45 12.67 13.43
CA ILE A 277 -33.87 11.54 14.32
C ILE A 277 -35.36 11.68 14.66
N GLU A 278 -35.73 12.75 15.38
CA GLU A 278 -37.12 12.97 15.79
C GLU A 278 -38.05 12.90 14.58
N GLU A 279 -37.60 13.39 13.43
CA GLU A 279 -38.37 13.19 12.21
C GLU A 279 -38.53 11.70 11.90
N ASP A 280 -37.45 10.94 12.04
CA ASP A 280 -37.61 9.49 11.77
C ASP A 280 -38.59 8.92 12.82
N ILE A 281 -38.50 9.35 14.10
CA ILE A 281 -39.27 8.74 15.18
C ILE A 281 -40.76 9.00 15.00
N ARG A 282 -41.12 10.17 14.48
CA ARG A 282 -42.53 10.40 14.17
C ARG A 282 -43.05 9.30 13.26
N ILE A 283 -42.30 8.96 12.21
CA ILE A 283 -42.76 7.89 11.32
C ILE A 283 -42.74 6.54 12.03
N LEU A 284 -41.63 6.20 12.70
CA LEU A 284 -41.51 4.86 13.28
C LEU A 284 -42.63 4.56 14.27
N HIS A 285 -43.01 5.53 15.05
CA HIS A 285 -44.04 5.35 16.08
C HIS A 285 -45.40 5.06 15.44
N SER A 286 -45.60 5.51 14.21
CA SER A 286 -46.89 5.34 13.56
C SER A 286 -47.00 4.07 12.71
N GLN A 287 -45.90 3.34 12.48
CA GLN A 287 -45.94 2.25 11.50
C GLN A 287 -46.64 1.03 12.05
N GLN A 288 -47.38 0.35 11.16
CA GLN A 288 -48.13 -0.85 11.47
C GLN A 288 -47.90 -1.88 10.37
N PRO A 289 -47.75 -3.16 10.74
CA PRO A 289 -47.73 -3.54 12.17
C PRO A 289 -46.41 -3.16 12.83
N THR A 290 -46.36 -3.26 14.16
CA THR A 290 -45.20 -2.78 14.91
C THR A 290 -43.93 -3.51 14.49
N ARG A 291 -44.02 -4.81 14.29
CA ARG A 291 -42.87 -5.63 13.94
C ARG A 291 -42.65 -5.63 12.43
N LEU A 292 -41.39 -5.69 12.04
CA LEU A 292 -40.99 -5.58 10.64
C LEU A 292 -41.51 -6.77 9.82
N PRO A 293 -42.28 -6.56 8.75
CA PRO A 293 -42.69 -7.69 7.92
C PRO A 293 -41.54 -8.19 7.05
N LEU A 294 -41.28 -9.48 7.12
CA LEU A 294 -40.28 -10.11 6.23
C LEU A 294 -40.94 -10.41 4.88
N LEU A 295 -40.18 -10.86 3.90
CA LEU A 295 -40.78 -11.18 2.59
C LEU A 295 -41.46 -12.54 2.69
N SER A 296 -42.65 -12.64 2.11
CA SER A 296 -43.33 -13.95 2.21
C SER A 296 -43.92 -14.35 0.86
N GLY A 304 -51.64 -3.27 9.96
CA GLY A 304 -52.19 -2.89 8.65
C GLY A 304 -52.40 -4.12 7.79
N LEU A 305 -53.60 -4.34 7.30
CA LEU A 305 -53.88 -5.62 6.62
C LEU A 305 -53.04 -5.90 5.37
N PRO A 306 -52.90 -4.97 4.40
CA PRO A 306 -52.22 -5.32 3.13
C PRO A 306 -50.71 -5.56 3.21
N GLN A 307 -50.17 -6.41 2.32
CA GLN A 307 -48.73 -6.70 2.30
C GLN A 307 -47.92 -5.53 1.74
N GLU A 308 -46.72 -5.38 2.30
CA GLU A 308 -45.81 -4.33 1.82
C GLU A 308 -45.52 -4.48 0.33
N ILE A 309 -45.30 -3.34 -0.33
CA ILE A 309 -44.89 -3.34 -1.73
C ILE A 309 -43.48 -2.76 -1.83
N HIS A 310 -42.79 -3.19 -2.89
CA HIS A 310 -41.40 -2.79 -3.07
C HIS A 310 -41.20 -2.25 -4.48
N VAL A 311 -40.39 -1.21 -4.59
CA VAL A 311 -40.06 -0.60 -5.86
C VAL A 311 -38.53 -0.54 -5.92
N PRO A 312 -37.92 -0.19 -7.06
CA PRO A 312 -36.46 -0.33 -7.17
C PRO A 312 -35.65 0.39 -6.11
N SER A 313 -36.11 1.56 -5.66
CA SER A 313 -35.36 2.33 -4.67
C SER A 313 -35.44 1.71 -3.28
N ASP A 314 -36.18 0.61 -3.14
CA ASP A 314 -36.23 -0.21 -1.96
C ASP A 314 -35.19 -1.34 -1.98
N ARG A 315 -34.28 -1.33 -2.94
CA ARG A 315 -33.41 -2.51 -3.07
C ARG A 315 -32.63 -2.74 -1.79
N CYS A 316 -32.21 -1.69 -1.13
CA CYS A 316 -31.45 -1.97 0.11
C CYS A 316 -32.37 -2.45 1.25
N THR A 317 -33.60 -1.92 1.29
CA THR A 317 -34.50 -2.37 2.40
C THR A 317 -35.03 -3.79 2.11
N VAL A 318 -35.12 -4.22 0.84
CA VAL A 318 -35.49 -5.56 0.44
C VAL A 318 -34.38 -6.55 0.81
N ALA A 319 -33.13 -6.12 0.61
CA ALA A 319 -31.99 -6.96 0.95
C ALA A 319 -31.91 -7.19 2.44
N TYR A 320 -32.31 -6.19 3.25
CA TYR A 320 -32.24 -6.33 4.69
C TYR A 320 -33.27 -7.33 5.20
N ARG A 321 -34.49 -7.27 4.66
CA ARG A 321 -35.51 -8.25 5.04
C ARG A 321 -35.09 -9.65 4.64
N ARG A 322 -34.50 -9.78 3.44
CA ARG A 322 -34.02 -11.08 2.97
C ARG A 322 -32.93 -11.60 3.87
N TRP A 323 -31.97 -10.73 4.22
CA TRP A 323 -30.89 -11.08 5.13
C TRP A 323 -31.43 -11.57 6.47
N LEU A 324 -32.45 -10.91 7.02
CA LEU A 324 -32.95 -11.33 8.33
C LEU A 324 -33.60 -12.71 8.28
N LYS A 325 -34.29 -13.00 7.16
CA LYS A 325 -34.96 -14.33 7.13
C LYS A 325 -33.92 -15.42 6.87
N GLU A 326 -32.83 -15.18 6.14
CA GLU A 326 -31.77 -16.17 5.97
C GLU A 326 -31.03 -16.43 7.26
N LEU A 327 -30.95 -15.41 8.12
CA LEU A 327 -30.38 -15.55 9.46
C LEU A 327 -31.31 -16.31 10.41
N GLY A 328 -32.60 -16.44 10.08
CA GLY A 328 -33.54 -17.04 11.01
C GLY A 328 -34.04 -16.14 12.13
N VAL A 329 -34.02 -14.82 11.94
CA VAL A 329 -34.62 -13.85 12.84
C VAL A 329 -36.14 -14.06 12.88
N THR A 330 -36.72 -14.40 14.03
CA THR A 330 -38.17 -14.44 14.21
C THR A 330 -38.65 -13.47 15.28
N TYR A 331 -37.75 -12.84 16.00
CA TYR A 331 -38.05 -11.98 17.14
C TYR A 331 -38.05 -10.54 16.65
N GLY A 332 -39.14 -9.82 16.91
CA GLY A 332 -39.24 -8.43 16.52
C GLY A 332 -39.62 -8.23 15.07
N VAL A 333 -39.96 -9.31 14.37
CA VAL A 333 -40.26 -9.28 12.94
C VAL A 333 -41.64 -9.89 12.70
N CYS A 334 -42.28 -9.47 11.61
CA CYS A 334 -43.67 -9.76 11.16
C CYS A 334 -44.60 -9.80 12.37
N THR B 2 -1.52 -21.34 -25.74
CA THR B 2 -2.10 -21.83 -27.02
C THR B 2 -1.29 -23.03 -27.52
N THR B 3 0.01 -22.87 -27.78
CA THR B 3 0.85 -24.00 -28.25
C THR B 3 1.70 -24.48 -27.05
N ALA B 4 1.39 -23.97 -25.85
CA ALA B 4 2.05 -24.43 -24.61
C ALA B 4 1.62 -25.83 -24.20
N ASP B 5 2.49 -26.53 -23.47
CA ASP B 5 2.23 -27.92 -23.01
C ASP B 5 1.12 -27.97 -21.94
N LEU B 6 0.44 -29.08 -21.79
CA LEU B 6 -0.65 -29.10 -20.82
C LEU B 6 -0.09 -28.85 -19.42
N ILE B 7 1.17 -29.15 -19.23
CA ILE B 7 1.66 -29.04 -17.83
C ILE B 7 1.76 -27.55 -17.45
N LEU B 8 2.00 -26.66 -18.41
CA LEU B 8 2.03 -25.22 -18.16
C LEU B 8 0.64 -24.61 -18.22
N ILE B 9 -0.19 -25.06 -19.16
CA ILE B 9 -1.53 -24.50 -19.25
C ILE B 9 -2.30 -24.73 -17.97
N ASN B 10 -2.00 -25.81 -17.24
CA ASN B 10 -2.76 -26.18 -16.05
C ASN B 10 -2.11 -25.70 -14.75
N ASN B 11 -1.19 -24.75 -14.83
CA ASN B 11 -0.55 -24.20 -13.62
C ASN B 11 -1.03 -22.76 -13.40
N TRP B 12 -0.85 -22.24 -12.19
CA TRP B 12 -1.16 -20.86 -11.83
C TRP B 12 0.02 -19.94 -12.13
N TYR B 13 -0.28 -18.73 -12.59
CA TYR B 13 0.76 -17.72 -12.74
C TYR B 13 0.19 -16.36 -12.33
N VAL B 14 1.09 -15.52 -11.84
CA VAL B 14 0.75 -14.13 -11.57
C VAL B 14 0.75 -13.34 -12.88
N VAL B 15 -0.30 -12.56 -13.08
CA VAL B 15 -0.40 -11.67 -14.23
C VAL B 15 -0.49 -10.20 -13.81
N ALA B 16 -0.69 -9.91 -12.53
CA ALA B 16 -0.83 -8.52 -12.08
C ALA B 16 -0.68 -8.48 -10.57
N LYS B 17 -0.43 -7.27 -10.06
CA LYS B 17 -0.61 -7.01 -8.63
C LYS B 17 -2.01 -6.49 -8.39
N VAL B 18 -2.60 -6.90 -7.26
CA VAL B 18 -3.95 -6.50 -6.91
C VAL B 18 -4.04 -4.98 -6.89
N GLU B 19 -2.93 -4.32 -6.54
CA GLU B 19 -2.86 -2.87 -6.46
C GLU B 19 -3.00 -2.21 -7.82
N ASP B 20 -2.64 -2.90 -8.89
CA ASP B 20 -2.84 -2.21 -10.16
C ASP B 20 -4.20 -2.52 -10.79
N CYS B 21 -4.98 -3.31 -10.03
CA CYS B 21 -6.39 -3.43 -10.47
C CYS B 21 -7.25 -2.98 -9.28
N ARG B 22 -7.88 -1.85 -9.62
CA ARG B 22 -8.78 -1.21 -8.68
C ARG B 22 -10.20 -1.28 -9.22
N PRO B 23 -11.16 -0.96 -8.32
CA PRO B 23 -12.57 -1.11 -8.60
C PRO B 23 -12.87 -0.20 -9.79
N GLY B 24 -13.61 -0.77 -10.75
CA GLY B 24 -13.98 -0.08 -11.96
C GLY B 24 -12.95 -0.07 -13.07
N SER B 25 -11.76 -0.62 -12.84
CA SER B 25 -10.70 -0.49 -13.84
C SER B 25 -10.77 -1.63 -14.86
N ILE B 26 -10.15 -1.37 -16.02
CA ILE B 26 -9.86 -2.38 -17.03
C ILE B 26 -8.36 -2.39 -17.29
N THR B 27 -7.74 -3.56 -17.22
CA THR B 27 -6.32 -3.73 -17.49
C THR B 27 -6.14 -4.94 -18.40
N THR B 28 -4.98 -5.04 -19.03
CA THR B 28 -4.66 -6.13 -19.95
C THR B 28 -3.41 -6.85 -19.49
N ALA B 29 -3.33 -8.14 -19.82
CA ALA B 29 -2.12 -8.92 -19.59
C ALA B 29 -1.98 -9.88 -20.76
N HIS B 30 -0.88 -10.62 -20.77
CA HIS B 30 -0.62 -11.60 -21.80
C HIS B 30 -0.02 -12.82 -21.12
N LEU B 31 -0.61 -13.99 -21.35
CA LEU B 31 -0.15 -15.20 -20.69
C LEU B 31 -0.18 -16.35 -21.68
N LEU B 32 0.98 -16.97 -21.90
CA LEU B 32 1.13 -18.13 -22.79
C LEU B 32 0.48 -17.89 -24.15
N GLY B 33 0.80 -16.76 -24.75
CA GLY B 33 0.26 -16.40 -26.06
C GLY B 33 -1.20 -15.97 -26.08
N VAL B 34 -1.85 -15.86 -24.94
CA VAL B 34 -3.25 -15.43 -24.90
C VAL B 34 -3.33 -14.01 -24.36
N LYS B 35 -4.05 -13.15 -25.08
CA LYS B 35 -4.35 -11.80 -24.60
C LYS B 35 -5.49 -11.85 -23.59
N LEU B 36 -5.26 -11.24 -22.42
CA LEU B 36 -6.19 -11.30 -21.30
C LEU B 36 -6.71 -9.90 -20.99
N VAL B 37 -7.98 -9.82 -20.58
CA VAL B 37 -8.56 -8.59 -20.05
C VAL B 37 -8.89 -8.82 -18.58
N LEU B 38 -8.52 -7.86 -17.73
CA LEU B 38 -8.79 -7.93 -16.27
C LEU B 38 -9.71 -6.76 -15.90
N TRP B 39 -10.85 -7.02 -15.28
CA TRP B 39 -11.74 -5.94 -14.88
C TRP B 39 -12.42 -6.25 -13.56
N ARG B 40 -12.87 -5.20 -12.90
CA ARG B 40 -13.69 -5.28 -11.66
C ARG B 40 -14.79 -4.24 -11.70
N SER B 41 -15.85 -4.51 -10.95
CA SER B 41 -17.03 -3.67 -10.63
C SER B 41 -16.55 -2.45 -9.84
N HIS B 42 -17.28 -1.34 -9.86
CA HIS B 42 -16.90 -0.16 -9.07
C HIS B 42 -17.08 -0.34 -7.57
N GLU B 43 -17.85 -1.34 -7.18
CA GLU B 43 -18.11 -1.91 -5.83
C GLU B 43 -16.78 -1.96 -5.08
N GLN B 44 -16.57 -1.48 -3.85
CA GLN B 44 -15.31 -1.82 -3.13
C GLN B 44 -15.37 -3.31 -2.77
N ASN B 45 -14.19 -3.95 -2.82
CA ASN B 45 -13.93 -5.39 -2.67
C ASN B 45 -14.67 -6.22 -3.72
N SER B 46 -14.84 -5.68 -4.92
CA SER B 46 -15.39 -6.49 -5.98
C SER B 46 -14.34 -7.47 -6.49
N PRO B 47 -14.75 -8.67 -6.89
CA PRO B 47 -13.79 -9.64 -7.42
C PRO B 47 -13.23 -9.22 -8.77
N ILE B 48 -12.14 -9.84 -9.14
CA ILE B 48 -11.45 -9.57 -10.39
C ILE B 48 -11.81 -10.65 -11.39
N GLN B 49 -12.28 -10.24 -12.57
CA GLN B 49 -12.48 -11.15 -13.70
C GLN B 49 -11.27 -11.14 -14.61
N VAL B 50 -10.87 -12.31 -15.08
CA VAL B 50 -9.80 -12.45 -16.07
C VAL B 50 -10.38 -13.28 -17.23
N TRP B 51 -10.49 -12.65 -18.39
CA TRP B 51 -11.08 -13.26 -19.58
C TRP B 51 -10.12 -13.10 -20.75
N GLN B 52 -10.35 -13.88 -21.80
CA GLN B 52 -9.70 -13.61 -23.07
C GLN B 52 -10.16 -12.26 -23.59
N ASP B 53 -9.22 -11.46 -24.12
CA ASP B 53 -9.54 -10.07 -24.50
C ASP B 53 -10.14 -10.06 -25.91
N TYR B 54 -11.40 -10.52 -25.99
CA TYR B 54 -12.01 -10.83 -27.29
C TYR B 54 -13.53 -10.78 -27.20
N CYS B 55 -14.17 -9.81 -27.84
CA CYS B 55 -15.64 -9.88 -27.81
C CYS B 55 -15.94 -10.83 -28.95
N PRO B 56 -16.79 -12.05 -28.88
CA PRO B 56 -17.08 -13.07 -29.90
C PRO B 56 -18.09 -12.62 -30.96
N HIS B 57 -18.67 -11.43 -30.85
CA HIS B 57 -19.55 -10.94 -31.91
C HIS B 57 -18.74 -10.59 -33.16
N ARG B 58 -17.83 -9.62 -33.05
CA ARG B 58 -17.01 -9.21 -34.20
C ARG B 58 -15.54 -9.05 -33.85
N GLY B 59 -15.05 -9.63 -32.77
CA GLY B 59 -13.60 -9.74 -32.61
C GLY B 59 -12.89 -8.50 -32.12
N VAL B 60 -13.58 -7.58 -31.46
CA VAL B 60 -12.99 -6.37 -30.88
C VAL B 60 -12.47 -6.69 -29.48
N PRO B 61 -11.36 -6.10 -29.05
CA PRO B 61 -10.90 -6.30 -27.67
C PRO B 61 -11.87 -5.67 -26.68
N LEU B 62 -12.39 -6.50 -25.76
CA LEU B 62 -13.23 -6.01 -24.67
C LEU B 62 -12.52 -5.03 -23.76
N SER B 63 -11.19 -5.08 -23.70
CA SER B 63 -10.37 -4.12 -22.99
C SER B 63 -10.64 -2.67 -23.43
N MET B 64 -11.09 -2.49 -24.66
CA MET B 64 -11.42 -1.15 -25.15
C MET B 64 -12.80 -0.68 -24.73
N GLY B 65 -13.48 -1.45 -23.87
CA GLY B 65 -14.85 -1.19 -23.49
C GLY B 65 -14.92 -0.37 -22.22
N GLU B 66 -16.03 -0.52 -21.49
CA GLU B 66 -16.23 0.21 -20.25
C GLU B 66 -16.91 -0.68 -19.22
N VAL B 67 -16.56 -0.50 -17.95
CA VAL B 67 -17.29 -1.13 -16.86
C VAL B 67 -18.45 -0.22 -16.47
N ALA B 68 -19.64 -0.83 -16.47
CA ALA B 68 -20.91 -0.18 -16.07
C ALA B 68 -21.92 -1.26 -15.64
N ASN B 69 -22.48 -1.05 -14.45
CA ASN B 69 -23.50 -1.84 -13.72
C ASN B 69 -23.10 -3.30 -13.57
N ASN B 70 -21.90 -3.59 -13.07
CA ASN B 70 -21.41 -4.96 -12.80
C ASN B 70 -21.32 -5.81 -14.07
N THR B 71 -21.09 -5.17 -15.20
CA THR B 71 -20.92 -5.74 -16.52
C THR B 71 -19.80 -5.04 -17.26
N LEU B 72 -19.17 -5.78 -18.15
CA LEU B 72 -18.21 -5.21 -19.08
C LEU B 72 -18.94 -5.05 -20.42
N VAL B 73 -18.87 -3.83 -20.96
CA VAL B 73 -19.59 -3.51 -22.22
C VAL B 73 -18.59 -3.25 -23.34
N CYS B 74 -18.57 -4.14 -24.35
N CYS B 74 -18.95 -3.95 -24.43
CA CYS B 74 -17.70 -4.00 -25.55
CA CYS B 74 -18.30 -3.96 -25.76
C CYS B 74 -18.04 -2.68 -26.27
C CYS B 74 -18.66 -2.65 -26.44
N PRO B 75 -17.05 -1.95 -26.83
N PRO B 75 -17.66 -1.82 -26.77
CA PRO B 75 -17.30 -0.65 -27.48
CA PRO B 75 -17.92 -0.54 -27.40
C PRO B 75 -17.70 -0.62 -28.97
C PRO B 75 -18.39 -0.69 -28.84
N TYR B 76 -18.03 -1.78 -29.56
CA TYR B 76 -18.43 -1.79 -30.98
C TYR B 76 -19.97 -1.70 -31.07
N HIS B 77 -20.65 -2.61 -30.42
CA HIS B 77 -22.13 -2.71 -30.51
C HIS B 77 -22.79 -2.67 -29.14
N GLY B 78 -22.03 -2.50 -28.09
CA GLY B 78 -22.60 -2.31 -26.74
C GLY B 78 -23.12 -3.54 -26.01
N TRP B 79 -22.78 -4.74 -26.43
CA TRP B 79 -23.21 -5.93 -25.68
C TRP B 79 -22.64 -5.89 -24.26
N ARG B 80 -23.41 -6.32 -23.27
CA ARG B 80 -22.94 -6.29 -21.89
C ARG B 80 -22.82 -7.71 -21.35
N TYR B 81 -21.67 -7.94 -20.72
CA TYR B 81 -21.33 -9.24 -20.17
C TYR B 81 -21.30 -9.16 -18.65
N ASN B 82 -22.05 -10.04 -17.98
CA ASN B 82 -22.06 -10.04 -16.52
C ASN B 82 -20.73 -10.62 -16.00
N GLN B 83 -20.57 -10.65 -14.68
CA GLN B 83 -19.35 -11.14 -14.00
C GLN B 83 -19.02 -12.60 -14.38
N ALA B 84 -19.98 -13.41 -14.76
CA ALA B 84 -19.69 -14.75 -15.23
C ALA B 84 -19.31 -14.80 -16.71
N GLY B 85 -19.28 -13.67 -17.41
CA GLY B 85 -18.93 -13.64 -18.82
C GLY B 85 -20.07 -13.89 -19.77
N LYS B 86 -21.29 -13.96 -19.27
CA LYS B 86 -22.46 -14.19 -20.12
C LYS B 86 -22.99 -12.85 -20.60
N CYS B 87 -23.36 -12.83 -21.88
CA CYS B 87 -23.90 -11.53 -22.36
C CYS B 87 -25.37 -11.46 -21.92
N VAL B 88 -25.67 -10.31 -21.29
CA VAL B 88 -26.97 -10.13 -20.66
C VAL B 88 -27.81 -9.04 -21.32
N GLN B 89 -27.25 -8.24 -22.21
CA GLN B 89 -28.05 -7.27 -22.94
C GLN B 89 -27.39 -7.01 -24.29
N ILE B 90 -28.19 -7.08 -25.34
CA ILE B 90 -27.84 -6.71 -26.71
C ILE B 90 -28.67 -5.48 -27.06
N PRO B 91 -28.05 -4.29 -27.14
CA PRO B 91 -28.85 -3.08 -27.30
C PRO B 91 -29.64 -3.02 -28.61
N ALA B 92 -29.21 -3.71 -29.65
CA ALA B 92 -29.95 -3.68 -30.91
C ALA B 92 -31.30 -4.38 -30.79
N HIS B 93 -31.41 -5.33 -29.85
CA HIS B 93 -32.61 -6.15 -29.68
C HIS B 93 -32.86 -6.26 -28.18
N PRO B 94 -33.29 -5.17 -27.55
CA PRO B 94 -33.32 -5.12 -26.08
C PRO B 94 -34.30 -6.10 -25.44
N ASP B 95 -35.15 -6.77 -26.21
CA ASP B 95 -35.89 -7.83 -25.54
C ASP B 95 -35.51 -9.21 -26.04
N MET B 96 -34.45 -9.32 -26.82
CA MET B 96 -33.99 -10.64 -27.19
C MET B 96 -33.07 -11.18 -26.12
N VAL B 97 -33.30 -12.44 -25.77
CA VAL B 97 -32.37 -13.11 -24.88
C VAL B 97 -31.17 -13.51 -25.72
N PRO B 98 -29.98 -13.04 -25.34
CA PRO B 98 -28.76 -13.33 -26.12
C PRO B 98 -28.55 -14.82 -26.29
N PRO B 99 -28.06 -15.25 -27.45
CA PRO B 99 -27.76 -16.68 -27.64
C PRO B 99 -26.73 -17.19 -26.64
N ALA B 100 -26.77 -18.51 -26.44
CA ALA B 100 -25.87 -19.13 -25.48
C ALA B 100 -24.41 -18.88 -25.86
N SER B 101 -24.12 -18.85 -27.15
CA SER B 101 -22.80 -18.55 -27.77
C SER B 101 -22.22 -17.24 -27.20
N ALA B 102 -23.14 -16.32 -26.89
CA ALA B 102 -22.76 -14.96 -26.58
C ALA B 102 -22.19 -14.94 -25.17
N GLN B 103 -20.92 -15.33 -25.08
CA GLN B 103 -20.28 -15.63 -23.80
C GLN B 103 -18.79 -15.41 -23.94
N ALA B 104 -18.19 -14.73 -22.96
CA ALA B 104 -16.76 -14.50 -23.01
C ALA B 104 -16.01 -15.74 -22.54
N LYS B 105 -14.79 -15.90 -23.04
CA LYS B 105 -13.95 -17.00 -22.58
C LYS B 105 -13.36 -16.60 -21.24
N THR B 106 -13.79 -17.25 -20.17
CA THR B 106 -13.36 -16.89 -18.83
C THR B 106 -12.33 -17.88 -18.31
N TYR B 107 -11.47 -17.41 -17.41
CA TYR B 107 -10.38 -18.21 -16.86
C TYR B 107 -10.45 -18.18 -15.33
N HIS B 108 -9.83 -19.17 -14.69
CA HIS B 108 -9.78 -19.20 -13.23
C HIS B 108 -8.90 -18.07 -12.72
N CYS B 109 -9.38 -17.37 -11.71
CA CYS B 109 -8.61 -16.29 -11.10
C CYS B 109 -8.66 -16.43 -9.58
N GLN B 110 -7.53 -16.19 -8.92
CA GLN B 110 -7.48 -16.17 -7.44
C GLN B 110 -6.53 -15.06 -6.98
N GLU B 111 -6.99 -14.28 -6.00
CA GLU B 111 -6.18 -13.18 -5.39
C GLU B 111 -5.51 -13.73 -4.14
N ARG B 112 -4.18 -13.69 -4.09
CA ARG B 112 -3.41 -14.24 -2.95
C ARG B 112 -2.09 -13.48 -2.86
N TYR B 113 -1.69 -13.11 -1.63
CA TYR B 113 -0.47 -12.36 -1.32
C TYR B 113 -0.46 -10.99 -1.98
N GLY B 114 -1.65 -10.41 -2.21
CA GLY B 114 -1.73 -9.18 -2.98
C GLY B 114 -1.38 -9.34 -4.44
N LEU B 115 -1.39 -10.57 -4.95
CA LEU B 115 -1.07 -10.86 -6.33
C LEU B 115 -2.30 -11.49 -6.99
N VAL B 116 -2.47 -11.23 -8.29
CA VAL B 116 -3.57 -11.77 -9.08
C VAL B 116 -3.04 -12.99 -9.81
N TRP B 117 -3.56 -14.19 -9.45
CA TRP B 117 -3.12 -15.46 -10.02
C TRP B 117 -4.17 -15.95 -11.01
N VAL B 118 -3.70 -16.54 -12.12
CA VAL B 118 -4.55 -16.95 -13.23
C VAL B 118 -4.17 -18.37 -13.64
N CYS B 119 -5.16 -19.22 -13.90
CA CYS B 119 -4.81 -20.45 -14.60
C CYS B 119 -5.71 -20.59 -15.83
N LEU B 120 -5.00 -20.81 -16.93
CA LEU B 120 -5.66 -20.88 -18.23
C LEU B 120 -6.43 -22.17 -18.42
N GLY B 121 -6.08 -23.24 -17.70
CA GLY B 121 -6.73 -24.52 -17.89
C GLY B 121 -7.47 -24.99 -16.65
N ASN B 122 -7.28 -26.24 -16.28
CA ASN B 122 -7.91 -26.67 -15.02
C ASN B 122 -6.77 -26.94 -14.05
N PRO B 123 -6.74 -26.18 -12.95
CA PRO B 123 -5.60 -26.19 -12.08
C PRO B 123 -5.46 -27.47 -11.26
N VAL B 124 -4.33 -28.14 -11.39
CA VAL B 124 -4.05 -29.42 -10.69
C VAL B 124 -3.39 -29.15 -9.35
N ASN B 125 -2.80 -27.98 -9.17
CA ASN B 125 -2.13 -27.69 -7.89
C ASN B 125 -2.69 -26.41 -7.31
N ASP B 126 -2.39 -26.15 -6.05
CA ASP B 126 -2.83 -24.86 -5.59
C ASP B 126 -1.70 -23.84 -5.75
N ILE B 127 -2.04 -22.60 -5.44
CA ILE B 127 -1.09 -21.49 -5.50
C ILE B 127 0.03 -21.77 -4.49
N PRO B 128 1.30 -21.51 -4.81
CA PRO B 128 2.39 -21.85 -3.87
C PRO B 128 2.22 -21.22 -2.50
N SER B 129 2.84 -21.84 -1.51
CA SER B 129 2.74 -21.30 -0.15
C SER B 129 3.70 -20.13 0.03
N PHE B 130 3.40 -19.31 1.03
CA PHE B 130 4.29 -18.22 1.44
C PHE B 130 4.06 -18.00 2.92
N PRO B 131 4.73 -18.78 3.77
CA PRO B 131 4.39 -18.79 5.21
C PRO B 131 4.47 -17.44 5.90
N GLU B 132 5.47 -16.61 5.57
CA GLU B 132 5.63 -15.31 6.22
C GLU B 132 4.47 -14.36 5.96
N TRP B 133 3.60 -14.66 4.99
CA TRP B 133 2.50 -13.75 4.66
C TRP B 133 1.66 -13.41 5.88
N ASP B 134 1.40 -14.41 6.72
CA ASP B 134 0.52 -14.25 7.91
C ASP B 134 1.33 -14.04 9.19
N ASP B 135 2.61 -13.66 9.07
CA ASP B 135 3.44 -13.46 10.25
C ASP B 135 3.49 -11.96 10.57
N PRO B 136 2.93 -11.51 11.69
CA PRO B 136 2.87 -10.07 11.97
C PRO B 136 4.23 -9.44 12.24
N ASN B 137 5.29 -10.22 12.43
CA ASN B 137 6.54 -9.50 12.59
C ASN B 137 7.28 -9.27 11.27
N TYR B 138 6.70 -9.65 10.14
CA TYR B 138 7.29 -9.36 8.84
C TYR B 138 6.57 -8.20 8.18
N HIS B 139 7.35 -7.28 7.67
CA HIS B 139 6.85 -6.19 6.81
C HIS B 139 6.80 -6.72 5.38
N LYS B 140 6.07 -6.06 4.49
CA LYS B 140 6.00 -6.51 3.10
C LYS B 140 6.15 -5.33 2.15
N THR B 141 6.59 -5.64 0.92
CA THR B 141 6.68 -4.65 -0.15
C THR B 141 6.69 -5.40 -1.49
N TYR B 142 6.56 -4.63 -2.57
CA TYR B 142 6.48 -5.21 -3.91
C TYR B 142 7.36 -4.41 -4.84
N THR B 143 8.14 -5.10 -5.67
CA THR B 143 8.81 -4.39 -6.75
C THR B 143 7.78 -3.98 -7.79
N LYS B 144 8.20 -3.14 -8.71
CA LYS B 144 7.43 -2.94 -9.91
C LYS B 144 7.59 -4.19 -10.79
N SER B 145 6.89 -4.20 -11.91
CA SER B 145 6.94 -5.30 -12.87
C SER B 145 8.01 -4.99 -13.92
N TYR B 146 8.77 -5.99 -14.33
CA TYR B 146 9.85 -5.81 -15.30
C TYR B 146 9.57 -6.67 -16.52
N LEU B 147 9.39 -6.01 -17.67
CA LEU B 147 9.26 -6.69 -18.95
C LEU B 147 10.64 -7.08 -19.46
N ILE B 148 10.80 -8.34 -19.86
CA ILE B 148 12.10 -8.88 -20.23
C ILE B 148 11.98 -9.62 -21.55
N GLN B 149 12.83 -9.28 -22.49
CA GLN B 149 12.86 -9.93 -23.81
C GLN B 149 13.71 -11.20 -23.77
N ALA B 150 13.21 -12.22 -23.09
CA ALA B 150 13.90 -13.48 -22.89
C ALA B 150 12.87 -14.47 -22.44
N SER B 151 13.14 -15.74 -22.72
CA SER B 151 12.36 -16.86 -22.26
C SER B 151 12.03 -16.74 -20.78
N PRO B 152 10.84 -17.11 -20.31
CA PRO B 152 10.62 -17.17 -18.86
C PRO B 152 11.54 -18.14 -18.18
N PHE B 153 11.95 -19.19 -18.91
CA PHE B 153 12.79 -20.23 -18.32
C PHE B 153 14.25 -19.79 -18.26
N ARG B 154 14.67 -18.89 -19.15
CA ARG B 154 15.97 -18.23 -18.99
C ARG B 154 15.95 -17.24 -17.82
N VAL B 155 14.85 -16.50 -17.62
CA VAL B 155 14.72 -15.67 -16.43
C VAL B 155 14.93 -16.51 -15.17
N MET B 156 14.19 -17.62 -15.04
CA MET B 156 14.35 -18.42 -13.83
C MET B 156 15.73 -19.06 -13.75
N ASP B 157 16.26 -19.53 -14.87
CA ASP B 157 17.62 -20.05 -14.90
C ASP B 157 18.61 -19.05 -14.29
N ASN B 158 18.52 -17.78 -14.69
CA ASN B 158 19.43 -16.76 -14.15
C ASN B 158 19.18 -16.51 -12.67
N SER B 159 17.94 -16.65 -12.22
CA SER B 159 17.65 -16.46 -10.81
C SER B 159 18.14 -17.64 -9.96
N ILE B 160 18.29 -18.82 -10.56
CA ILE B 160 18.76 -20.00 -9.84
C ILE B 160 20.30 -20.07 -9.82
N ASP B 161 20.96 -19.35 -10.72
CA ASP B 161 22.41 -19.30 -10.86
C ASP B 161 23.00 -18.42 -9.76
N VAL B 162 23.92 -18.96 -8.96
CA VAL B 162 24.47 -18.20 -7.83
C VAL B 162 25.91 -17.77 -8.06
N SER B 163 26.66 -18.45 -8.93
CA SER B 163 28.07 -18.15 -9.13
C SER B 163 28.31 -16.83 -9.85
N HIS B 164 27.29 -16.21 -10.44
CA HIS B 164 27.50 -14.94 -11.13
C HIS B 164 27.44 -13.74 -10.20
N PHE B 165 26.97 -13.90 -8.96
CA PHE B 165 26.90 -12.78 -7.99
C PHE B 165 28.14 -11.91 -7.96
N PRO B 166 29.37 -12.45 -7.81
CA PRO B 166 30.55 -11.57 -7.69
C PRO B 166 30.89 -10.79 -8.94
N PHE B 167 30.21 -11.05 -10.06
CA PHE B 167 30.63 -10.44 -11.31
C PHE B 167 29.63 -9.43 -11.85
N ILE B 168 28.34 -9.75 -11.90
CA ILE B 168 27.39 -8.72 -12.31
C ILE B 168 26.69 -8.02 -11.14
N HIS B 169 26.77 -8.57 -9.93
CA HIS B 169 26.20 -7.98 -8.73
C HIS B 169 27.27 -7.55 -7.72
N GLU B 170 28.41 -7.14 -8.22
CA GLU B 170 29.53 -6.69 -7.37
C GLU B 170 29.04 -5.53 -6.50
N GLY B 171 29.26 -5.59 -5.20
CA GLY B 171 28.92 -4.48 -4.29
C GLY B 171 27.59 -4.67 -3.60
N ILE B 172 26.79 -5.63 -4.06
CA ILE B 172 25.49 -5.87 -3.34
C ILE B 172 25.43 -7.33 -2.88
N LEU B 173 25.66 -8.31 -3.76
CA LEU B 173 25.61 -9.77 -3.47
C LEU B 173 27.02 -10.38 -3.42
N GLY B 174 28.08 -9.61 -3.67
CA GLY B 174 29.39 -10.24 -3.76
C GLY B 174 30.44 -9.25 -4.17
N ASP B 175 31.63 -9.78 -4.45
CA ASP B 175 32.74 -8.99 -4.97
C ASP B 175 33.75 -9.92 -5.60
N ARG B 176 34.58 -9.35 -6.47
CA ARG B 176 35.52 -10.16 -7.25
C ARG B 176 36.59 -10.81 -6.40
N ASN B 177 36.77 -10.35 -5.16
CA ASN B 177 37.84 -10.97 -4.34
C ASN B 177 37.29 -12.15 -3.54
N HIS B 178 36.03 -12.53 -3.78
CA HIS B 178 35.39 -13.63 -3.09
C HIS B 178 34.50 -14.41 -4.05
N ALA B 179 35.07 -14.79 -5.18
CA ALA B 179 34.32 -15.38 -6.27
C ALA B 179 34.26 -16.89 -6.23
N GLU B 180 35.02 -17.53 -5.35
CA GLU B 180 34.93 -18.98 -5.36
C GLU B 180 33.65 -19.44 -4.66
N VAL B 181 33.13 -20.53 -5.19
CA VAL B 181 31.81 -21.06 -4.82
C VAL B 181 32.01 -22.38 -4.07
N GLU B 182 31.39 -22.50 -2.92
CA GLU B 182 31.33 -23.69 -2.09
C GLU B 182 30.55 -24.79 -2.80
N ASP B 183 30.60 -25.99 -2.21
CA ASP B 183 29.81 -27.17 -2.63
C ASP B 183 28.34 -26.76 -2.55
N LEU B 184 27.50 -26.98 -3.56
CA LEU B 184 26.08 -26.60 -3.33
C LEU B 184 25.19 -27.85 -3.34
N GLU B 185 24.40 -27.97 -2.27
CA GLU B 185 23.50 -29.10 -2.12
C GLU B 185 22.17 -28.72 -2.76
N VAL B 186 21.75 -29.54 -3.73
CA VAL B 186 20.54 -29.41 -4.53
C VAL B 186 19.74 -30.70 -4.42
N LYS B 187 18.43 -30.66 -4.25
CA LYS B 187 17.57 -31.84 -4.31
C LYS B 187 16.40 -31.55 -5.24
N VAL B 188 16.17 -32.46 -6.17
CA VAL B 188 14.91 -32.35 -6.94
C VAL B 188 14.14 -33.61 -6.60
N ASP B 189 12.90 -33.40 -6.17
CA ASP B 189 12.00 -34.41 -5.60
C ASP B 189 10.57 -34.08 -6.06
N LYS B 190 9.57 -34.73 -5.47
CA LYS B 190 8.21 -34.43 -5.98
C LYS B 190 7.73 -33.07 -5.47
N ASP B 191 8.26 -32.56 -4.34
CA ASP B 191 8.08 -31.19 -3.79
C ASP B 191 8.42 -30.15 -4.86
N GLY B 192 9.62 -30.33 -5.40
CA GLY B 192 10.23 -29.38 -6.35
C GLY B 192 11.73 -29.28 -6.14
N LEU B 193 12.41 -28.36 -6.83
CA LEU B 193 13.85 -28.14 -6.72
C LEU B 193 14.13 -27.32 -5.47
N THR B 194 14.92 -27.83 -4.54
CA THR B 194 15.34 -27.14 -3.33
C THR B 194 16.86 -27.02 -3.36
N MET B 195 17.36 -25.80 -3.23
CA MET B 195 18.79 -25.57 -3.03
C MET B 195 19.05 -25.33 -1.55
N GLY B 196 20.00 -26.08 -0.99
CA GLY B 196 20.27 -26.02 0.43
C GLY B 196 20.94 -24.73 0.83
N LYS B 197 21.04 -24.53 2.15
CA LYS B 197 21.67 -23.31 2.62
C LYS B 197 23.10 -23.22 2.13
N TYR B 198 23.37 -22.13 1.41
CA TYR B 198 24.72 -21.75 1.03
C TYR B 198 24.97 -20.33 1.54
N GLN B 199 26.25 -19.93 1.52
CA GLN B 199 26.71 -18.63 2.09
C GLN B 199 27.22 -17.70 1.01
N VAL B 200 26.82 -16.43 1.10
CA VAL B 200 27.02 -15.25 0.21
C VAL B 200 27.92 -14.24 0.90
N HIS B 201 29.06 -13.82 0.36
CA HIS B 201 29.84 -12.70 0.93
C HIS B 201 29.13 -11.42 0.55
N THR B 202 29.14 -10.44 1.44
CA THR B 202 28.48 -9.15 1.19
C THR B 202 29.33 -8.03 1.79
N SER B 203 28.74 -6.83 1.83
CA SER B 203 29.27 -5.55 2.38
C SER B 203 30.37 -5.77 3.43
N THR B 209 26.72 -14.10 11.03
CA THR B 209 27.36 -13.03 11.83
C THR B 209 28.84 -13.34 12.02
N LYS B 210 29.34 -14.51 11.62
CA LYS B 210 30.79 -14.70 11.82
C LYS B 210 31.56 -13.65 11.00
N ASP B 211 31.18 -13.41 9.74
CA ASP B 211 31.95 -12.42 8.95
C ASP B 211 31.00 -11.65 8.03
N ASP B 212 31.52 -11.07 6.95
CA ASP B 212 30.69 -10.32 5.97
C ASP B 212 30.09 -11.33 4.98
N SER B 213 29.13 -12.13 5.44
CA SER B 213 28.46 -13.17 4.63
C SER B 213 27.03 -13.36 5.14
N MET B 214 26.19 -13.96 4.30
CA MET B 214 24.76 -14.20 4.56
C MET B 214 24.43 -15.65 4.21
N VAL B 215 23.34 -16.14 4.76
CA VAL B 215 22.95 -17.55 4.50
C VAL B 215 21.68 -17.54 3.67
N ASN B 216 21.72 -18.23 2.55
CA ASN B 216 20.59 -18.24 1.60
C ASN B 216 20.17 -19.65 1.24
N TRP B 217 18.87 -19.84 1.11
CA TRP B 217 18.37 -21.03 0.44
C TRP B 217 17.14 -20.64 -0.38
N PHE B 218 16.74 -21.52 -1.30
CA PHE B 218 15.54 -21.27 -2.08
C PHE B 218 14.87 -22.57 -2.52
N ARG B 219 13.62 -22.47 -2.90
CA ARG B 219 12.82 -23.65 -3.29
C ARG B 219 11.85 -23.29 -4.40
N LEU B 220 11.76 -24.16 -5.39
CA LEU B 220 10.76 -24.04 -6.44
C LEU B 220 9.86 -25.26 -6.38
N SER B 221 8.59 -24.99 -6.11
CA SER B 221 7.53 -26.02 -6.13
C SER B 221 7.00 -26.10 -7.56
N HIS B 222 7.14 -25.01 -8.30
CA HIS B 222 6.71 -24.90 -9.71
C HIS B 222 7.83 -24.23 -10.49
N PRO B 223 8.01 -24.51 -11.79
CA PRO B 223 9.12 -23.96 -12.52
C PRO B 223 9.26 -22.45 -12.70
N LEU B 224 8.20 -21.69 -12.49
CA LEU B 224 8.27 -20.23 -12.71
C LEU B 224 7.90 -19.44 -11.45
N CYS B 225 8.01 -20.05 -10.28
CA CYS B 225 7.80 -19.34 -9.03
C CYS B 225 8.81 -19.84 -8.01
N GLN B 226 9.54 -18.90 -7.39
CA GLN B 226 10.69 -19.23 -6.56
C GLN B 226 10.53 -18.60 -5.19
N TYR B 227 10.65 -19.41 -4.16
CA TYR B 227 10.65 -18.96 -2.77
C TYR B 227 12.09 -18.88 -2.26
N CYS B 228 12.56 -17.66 -1.97
N CYS B 228 12.56 -17.66 -1.97
CA CYS B 228 13.96 -17.46 -1.51
CA CYS B 228 13.96 -17.45 -1.51
C CYS B 228 13.98 -16.95 -0.07
C CYS B 228 13.98 -16.95 -0.07
N SER B 229 15.06 -17.31 0.65
CA SER B 229 15.26 -16.91 2.05
C SER B 229 16.70 -16.49 2.27
N THR B 230 16.90 -15.37 2.95
CA THR B 230 18.25 -14.82 3.21
C THR B 230 18.27 -14.28 4.62
N GLU B 231 19.28 -14.64 5.39
CA GLU B 231 19.33 -14.22 6.77
C GLU B 231 20.70 -13.65 7.06
N ALA B 232 20.60 -12.43 7.56
CA ALA B 232 21.60 -11.46 7.99
C ALA B 232 21.91 -11.71 9.46
N SER B 233 22.56 -10.74 10.12
CA SER B 233 22.96 -11.01 11.52
C SER B 233 21.72 -11.18 12.40
N GLU B 234 20.80 -10.20 12.36
CA GLU B 234 19.54 -10.26 13.18
C GLU B 234 18.30 -9.95 12.33
N MET B 235 18.41 -9.99 11.00
CA MET B 235 17.29 -9.71 10.07
C MET B 235 17.10 -10.83 9.03
N ARG B 236 15.91 -11.44 8.91
CA ARG B 236 15.60 -12.39 7.85
C ARG B 236 14.78 -11.69 6.77
N THR B 237 15.14 -11.95 5.51
CA THR B 237 14.28 -11.51 4.42
C THR B 237 13.93 -12.71 3.54
N VAL B 238 12.65 -12.74 3.16
CA VAL B 238 12.16 -13.77 2.25
C VAL B 238 11.51 -13.08 1.06
N ASP B 239 11.47 -13.78 -0.08
CA ASP B 239 10.76 -13.24 -1.22
C ASP B 239 10.16 -14.35 -2.06
N LEU B 240 9.04 -14.03 -2.69
CA LEU B 240 8.42 -14.86 -3.70
C LEU B 240 8.71 -14.20 -5.03
N MET B 241 9.48 -14.89 -5.87
CA MET B 241 9.76 -14.45 -7.21
C MET B 241 8.86 -15.18 -8.18
N VAL B 242 8.24 -14.43 -9.08
CA VAL B 242 7.19 -15.02 -9.88
C VAL B 242 7.24 -14.38 -11.27
N VAL B 243 7.29 -15.26 -12.27
CA VAL B 243 7.57 -14.91 -13.65
C VAL B 243 6.32 -15.14 -14.49
N THR B 244 5.83 -14.14 -15.20
CA THR B 244 4.71 -14.34 -16.10
C THR B 244 5.26 -14.80 -17.44
N PRO B 245 4.87 -15.97 -17.92
CA PRO B 245 5.37 -16.40 -19.22
C PRO B 245 4.48 -15.82 -20.32
N ILE B 246 4.88 -14.66 -20.83
CA ILE B 246 4.11 -13.97 -21.87
C ILE B 246 3.99 -14.83 -23.11
N ASP B 247 5.13 -15.30 -23.61
CA ASP B 247 5.16 -16.35 -24.59
C ASP B 247 6.52 -17.02 -24.48
N GLU B 248 6.93 -17.71 -25.55
CA GLU B 248 8.16 -18.47 -25.52
C GLU B 248 9.40 -17.60 -25.41
N ASP B 249 9.29 -16.30 -25.71
CA ASP B 249 10.48 -15.45 -25.80
C ASP B 249 10.40 -14.22 -24.92
N ASN B 250 9.38 -14.07 -24.07
CA ASN B 250 9.15 -12.82 -23.35
C ASN B 250 8.55 -13.11 -21.98
N SER B 251 8.85 -12.24 -21.02
N SER B 251 8.87 -12.32 -21.07
CA SER B 251 8.41 -12.52 -19.66
CA SER B 251 8.43 -12.61 -19.72
C SER B 251 8.15 -11.23 -18.90
C SER B 251 8.17 -11.31 -18.96
N VAL B 252 7.35 -11.31 -17.85
CA VAL B 252 7.20 -10.33 -16.79
C VAL B 252 7.85 -10.91 -15.54
N LEU B 253 8.62 -10.13 -14.80
CA LEU B 253 9.17 -10.50 -13.50
C LEU B 253 8.61 -9.57 -12.42
N ARG B 254 8.18 -10.15 -11.28
CA ARG B 254 7.73 -9.43 -10.09
C ARG B 254 8.24 -10.14 -8.85
N TYR B 255 8.41 -9.38 -7.77
CA TYR B 255 8.78 -9.92 -6.46
C TYR B 255 7.83 -9.40 -5.39
N LEU B 256 7.35 -10.31 -4.55
CA LEU B 256 6.84 -9.99 -3.23
C LEU B 256 7.99 -10.21 -2.24
N ILE B 257 8.27 -9.23 -1.39
CA ILE B 257 9.40 -9.25 -0.47
C ILE B 257 8.92 -8.95 0.94
N MET B 258 9.27 -9.83 1.89
CA MET B 258 8.95 -9.61 3.28
C MET B 258 10.21 -9.74 4.12
N TRP B 259 10.29 -8.95 5.19
CA TRP B 259 11.47 -8.90 6.02
C TRP B 259 11.07 -8.47 7.43
N ASN B 260 11.85 -8.92 8.43
CA ASN B 260 11.54 -8.68 9.84
C ASN B 260 12.44 -7.63 10.50
N GLY B 261 13.18 -6.84 9.73
CA GLY B 261 13.96 -5.75 10.27
C GLY B 261 13.18 -4.45 10.20
N SER B 262 13.89 -3.34 10.34
CA SER B 262 13.32 -2.00 10.40
C SER B 262 12.45 -1.67 9.19
N LYS B 263 11.40 -0.90 9.38
CA LYS B 263 10.59 -0.55 8.20
C LYS B 263 11.34 0.49 7.35
N THR B 264 12.39 1.09 7.92
CA THR B 264 13.22 2.07 7.17
C THR B 264 14.00 1.38 6.03
N LEU B 265 14.12 0.06 6.04
CA LEU B 265 14.86 -0.67 5.00
C LEU B 265 14.08 -0.81 3.69
N GLU B 266 12.77 -0.52 3.69
CA GLU B 266 11.94 -0.76 2.51
C GLU B 266 12.53 -0.12 1.26
N SER B 267 12.82 1.17 1.31
CA SER B 267 13.34 1.83 0.11
C SER B 267 14.72 1.32 -0.26
N LYS B 268 15.50 0.92 0.73
CA LYS B 268 16.81 0.30 0.45
C LYS B 268 16.63 -1.06 -0.24
N ILE B 269 15.69 -1.89 0.23
CA ILE B 269 15.48 -3.18 -0.42
C ILE B 269 15.00 -2.98 -1.85
N LEU B 270 14.06 -2.07 -2.04
CA LEU B 270 13.55 -1.76 -3.38
C LEU B 270 14.67 -1.32 -4.32
N ALA B 271 15.62 -0.53 -3.83
CA ALA B 271 16.71 -0.08 -4.70
C ALA B 271 17.68 -1.20 -4.99
N ASP B 272 17.98 -2.02 -3.99
CA ASP B 272 18.90 -3.15 -4.21
C ASP B 272 18.35 -4.09 -5.27
N TYR B 273 17.06 -4.45 -5.15
CA TYR B 273 16.45 -5.34 -6.12
C TYR B 273 16.48 -4.71 -7.51
N ASP B 274 16.16 -3.42 -7.61
CA ASP B 274 16.15 -2.77 -8.92
C ASP B 274 17.53 -2.81 -9.56
N GLN B 275 18.58 -2.62 -8.77
CA GLN B 275 19.91 -2.66 -9.35
C GLN B 275 20.27 -4.07 -9.81
N VAL B 276 19.97 -5.07 -8.99
CA VAL B 276 20.28 -6.45 -9.32
C VAL B 276 19.46 -6.93 -10.51
N ILE B 277 18.18 -6.60 -10.54
CA ILE B 277 17.33 -7.00 -11.66
C ILE B 277 17.85 -6.43 -12.96
N GLU B 278 18.22 -5.14 -12.95
CA GLU B 278 18.71 -4.51 -14.18
C GLU B 278 20.05 -5.09 -14.60
N GLU B 279 20.91 -5.43 -13.62
CA GLU B 279 22.14 -6.12 -13.95
C GLU B 279 21.85 -7.49 -14.60
N ASP B 280 20.85 -8.21 -14.10
CA ASP B 280 20.44 -9.47 -14.73
C ASP B 280 19.86 -9.27 -16.13
N ILE B 281 19.03 -8.25 -16.32
CA ILE B 281 18.38 -8.03 -17.61
C ILE B 281 19.42 -7.81 -18.71
N ARG B 282 20.49 -7.08 -18.39
CA ARG B 282 21.57 -6.83 -19.38
C ARG B 282 22.12 -8.18 -19.85
N ILE B 283 22.31 -9.12 -18.95
CA ILE B 283 22.78 -10.43 -19.40
C ILE B 283 21.67 -11.16 -20.16
N LEU B 284 20.46 -11.17 -19.62
CA LEU B 284 19.40 -11.98 -20.20
C LEU B 284 19.08 -11.56 -21.62
N HIS B 285 19.07 -10.26 -21.89
CA HIS B 285 18.74 -9.79 -23.23
C HIS B 285 19.82 -10.21 -24.22
N SER B 286 21.04 -10.42 -23.74
CA SER B 286 22.20 -10.71 -24.56
C SER B 286 22.33 -12.19 -24.93
N GLN B 287 21.70 -13.08 -24.18
CA GLN B 287 22.01 -14.51 -24.30
C GLN B 287 21.38 -15.13 -25.53
N GLN B 288 22.12 -16.02 -26.16
CA GLN B 288 21.65 -16.80 -27.30
C GLN B 288 21.90 -18.27 -27.03
N PRO B 289 20.92 -19.15 -27.31
CA PRO B 289 19.64 -18.76 -27.88
C PRO B 289 18.70 -18.15 -26.84
N THR B 290 17.65 -17.47 -27.32
CA THR B 290 16.68 -16.80 -26.47
C THR B 290 16.00 -17.78 -25.52
N ARG B 291 15.74 -18.99 -26.00
CA ARG B 291 15.09 -20.00 -25.19
C ARG B 291 16.14 -20.80 -24.41
N LEU B 292 15.70 -21.40 -23.30
CA LEU B 292 16.62 -22.10 -22.43
C LEU B 292 17.03 -23.44 -23.05
N PRO B 293 18.32 -23.69 -23.29
CA PRO B 293 18.77 -25.00 -23.78
C PRO B 293 18.66 -26.07 -22.69
N LEU B 294 18.15 -27.23 -23.09
CA LEU B 294 17.99 -28.42 -22.21
C LEU B 294 19.22 -29.33 -22.40
N LEU B 295 19.43 -30.20 -21.44
CA LEU B 295 20.54 -31.17 -21.44
C LEU B 295 20.45 -32.08 -22.65
N SER B 296 21.60 -32.35 -23.27
CA SER B 296 21.88 -33.29 -24.40
C SER B 296 21.27 -34.66 -24.11
N PRO B 297 20.18 -35.22 -24.67
CA PRO B 297 19.74 -36.58 -24.35
C PRO B 297 20.67 -37.63 -24.99
N LEU B 305 24.46 -21.99 -30.48
CA LEU B 305 25.78 -22.15 -31.14
C LEU B 305 26.45 -23.35 -30.48
N PRO B 306 27.69 -23.31 -29.93
CA PRO B 306 28.22 -24.47 -29.20
C PRO B 306 27.40 -24.81 -27.94
N GLN B 307 27.27 -26.11 -27.65
CA GLN B 307 26.44 -26.68 -26.56
C GLN B 307 26.84 -26.11 -25.19
N GLU B 308 25.86 -25.86 -24.31
CA GLU B 308 26.30 -25.13 -23.08
C GLU B 308 27.20 -26.05 -22.24
N ILE B 309 28.24 -25.46 -21.62
CA ILE B 309 29.17 -26.26 -20.80
C ILE B 309 28.75 -26.08 -19.35
N HIS B 310 28.99 -27.14 -18.55
CA HIS B 310 28.61 -27.14 -17.13
C HIS B 310 29.80 -27.50 -16.25
N VAL B 311 30.04 -26.68 -15.22
CA VAL B 311 31.04 -27.02 -14.21
C VAL B 311 30.33 -27.18 -12.87
N PRO B 312 31.02 -27.57 -11.78
CA PRO B 312 30.29 -27.94 -10.55
C PRO B 312 29.40 -26.86 -9.94
N SER B 313 29.78 -25.58 -10.03
CA SER B 313 28.92 -24.52 -9.49
C SER B 313 27.61 -24.37 -10.27
N ASP B 314 27.43 -25.09 -11.38
CA ASP B 314 26.19 -25.07 -12.14
C ASP B 314 25.24 -26.16 -11.71
N ARG B 315 25.52 -26.83 -10.59
CA ARG B 315 24.74 -28.05 -10.39
C ARG B 315 23.27 -27.72 -10.17
N CYS B 316 22.89 -26.55 -9.68
CA CYS B 316 21.49 -26.18 -9.48
C CYS B 316 20.77 -25.85 -10.79
N THR B 317 21.51 -25.17 -11.70
CA THR B 317 21.01 -24.80 -13.05
C THR B 317 20.80 -26.08 -13.88
N VAL B 318 21.77 -27.00 -13.86
CA VAL B 318 21.61 -28.29 -14.51
C VAL B 318 20.42 -29.04 -13.93
N ALA B 319 20.21 -28.98 -12.62
CA ALA B 319 19.06 -29.67 -12.04
C ALA B 319 17.76 -29.07 -12.55
N TYR B 320 17.73 -27.74 -12.71
CA TYR B 320 16.57 -27.08 -13.29
C TYR B 320 16.34 -27.55 -14.72
N ARG B 321 17.37 -27.55 -15.56
CA ARG B 321 17.17 -28.03 -16.92
C ARG B 321 16.70 -29.47 -16.91
N ARG B 322 17.27 -30.28 -16.03
CA ARG B 322 16.89 -31.71 -15.94
C ARG B 322 15.43 -31.84 -15.52
N TRP B 323 15.00 -31.00 -14.60
CA TRP B 323 13.64 -31.04 -14.09
C TRP B 323 12.63 -30.60 -15.16
N LEU B 324 13.02 -29.62 -15.99
CA LEU B 324 12.12 -29.17 -17.06
C LEU B 324 11.90 -30.26 -18.10
N LYS B 325 12.96 -31.01 -18.40
CA LYS B 325 12.93 -32.11 -19.40
C LYS B 325 11.88 -33.14 -18.99
N GLU B 326 11.98 -33.66 -17.77
CA GLU B 326 11.01 -34.67 -17.26
C GLU B 326 9.61 -34.04 -17.21
N LEU B 327 9.53 -32.78 -16.77
CA LEU B 327 8.24 -32.07 -16.69
C LEU B 327 7.61 -31.94 -18.09
N GLY B 328 8.34 -32.38 -19.12
CA GLY B 328 7.84 -32.31 -20.47
C GLY B 328 7.65 -30.91 -21.00
N VAL B 329 8.42 -29.95 -20.52
CA VAL B 329 8.35 -28.59 -21.03
C VAL B 329 9.05 -28.54 -22.39
N THR B 330 8.31 -28.16 -23.44
CA THR B 330 8.84 -27.90 -24.76
C THR B 330 8.68 -26.43 -25.16
N TYR B 331 7.91 -25.68 -24.41
CA TYR B 331 7.56 -24.30 -24.74
C TYR B 331 8.59 -23.40 -24.08
N GLY B 332 9.18 -22.53 -24.88
CA GLY B 332 10.17 -21.53 -24.41
C GLY B 332 11.49 -22.19 -24.09
N VAL B 333 11.68 -23.43 -24.52
CA VAL B 333 12.96 -24.14 -24.32
C VAL B 333 13.47 -24.65 -25.66
N CYS B 334 14.72 -25.12 -25.71
CA CYS B 334 15.23 -25.64 -27.00
C CYS B 334 16.26 -26.76 -26.78
N THR C 2 22.94 23.48 10.92
CA THR C 2 23.30 23.48 9.49
C THR C 2 24.06 24.77 9.12
N THR C 3 25.28 24.71 8.60
CA THR C 3 26.02 25.94 8.23
C THR C 3 25.82 26.28 6.75
N ALA C 4 24.90 25.63 6.07
CA ALA C 4 24.67 25.88 4.64
C ALA C 4 24.22 27.32 4.38
N ASP C 5 24.79 27.93 3.36
CA ASP C 5 24.38 29.26 2.94
C ASP C 5 22.88 29.28 2.63
N LEU C 6 22.30 30.48 2.70
CA LEU C 6 20.84 30.58 2.45
C LEU C 6 20.52 30.23 1.00
N ILE C 7 21.41 30.53 0.05
CA ILE C 7 21.29 30.28 -1.39
C ILE C 7 20.94 28.82 -1.65
N LEU C 8 21.67 27.97 -0.90
CA LEU C 8 21.49 26.52 -0.96
C LEU C 8 20.25 26.10 -0.20
N ILE C 9 20.03 26.67 0.99
CA ILE C 9 18.88 26.31 1.82
C ILE C 9 17.57 26.56 1.09
N ASN C 10 17.50 27.63 0.30
CA ASN C 10 16.24 28.02 -0.33
C ASN C 10 16.08 27.41 -1.72
N ASN C 11 16.88 26.40 -2.07
CA ASN C 11 16.71 25.70 -3.33
C ASN C 11 16.21 24.28 -3.10
N TRP C 12 15.87 23.62 -4.21
CA TRP C 12 15.31 22.29 -4.22
C TRP C 12 16.38 21.24 -4.51
N TYR C 13 16.26 20.08 -3.89
CA TYR C 13 17.17 18.99 -4.11
C TYR C 13 16.42 17.68 -4.07
N VAL C 14 16.88 16.72 -4.86
CA VAL C 14 16.31 15.39 -4.88
C VAL C 14 16.85 14.60 -3.71
N VAL C 15 15.96 13.94 -2.96
CA VAL C 15 16.36 13.06 -1.87
C VAL C 15 15.95 11.62 -2.09
N ALA C 16 15.13 11.31 -3.10
CA ALA C 16 14.67 9.95 -3.34
C ALA C 16 13.97 9.85 -4.70
N LYS C 17 13.89 8.63 -5.20
CA LYS C 17 13.02 8.31 -6.33
C LYS C 17 11.63 8.00 -5.81
N VAL C 18 10.63 8.56 -6.49
CA VAL C 18 9.24 8.38 -6.06
C VAL C 18 8.90 6.91 -5.96
N GLU C 19 9.35 6.10 -6.93
CA GLU C 19 8.97 4.69 -6.98
C GLU C 19 9.53 3.86 -5.83
N ASP C 20 10.44 4.43 -5.01
CA ASP C 20 10.95 3.75 -3.83
C ASP C 20 10.26 4.18 -2.53
N CYS C 21 9.27 5.07 -2.63
CA CYS C 21 8.51 5.53 -1.47
C CYS C 21 7.06 5.10 -1.69
N ARG C 22 6.78 3.85 -1.34
CA ARG C 22 5.46 3.26 -1.54
C ARG C 22 4.49 3.76 -0.48
N PRO C 23 3.18 3.55 -0.68
CA PRO C 23 2.21 4.00 0.32
C PRO C 23 2.44 3.30 1.64
N GLY C 24 2.45 4.06 2.71
CA GLY C 24 2.69 3.49 4.02
C GLY C 24 4.15 3.39 4.40
N SER C 25 5.06 3.88 3.57
CA SER C 25 6.48 3.66 3.75
C SER C 25 7.08 4.74 4.64
N ILE C 26 8.22 4.42 5.23
CA ILE C 26 9.03 5.34 6.01
C ILE C 26 10.45 5.23 5.49
N THR C 27 11.00 6.33 4.97
CA THR C 27 12.32 6.40 4.38
C THR C 27 13.17 7.45 5.09
N THR C 28 14.46 7.27 5.14
CA THR C 28 15.37 8.29 5.66
C THR C 28 16.23 8.87 4.56
N ALA C 29 16.68 10.10 4.78
CA ALA C 29 17.66 10.73 3.93
C ALA C 29 18.38 11.80 4.73
N HIS C 30 19.38 12.38 4.11
CA HIS C 30 20.24 13.44 4.68
C HIS C 30 20.33 14.56 3.65
N LEU C 31 20.15 15.79 4.08
CA LEU C 31 20.24 16.93 3.19
C LEU C 31 20.83 18.09 3.96
N LEU C 32 22.01 18.56 3.49
CA LEU C 32 22.69 19.73 4.02
C LEU C 32 22.92 19.61 5.53
N GLY C 33 23.34 18.44 5.96
CA GLY C 33 23.55 18.18 7.37
C GLY C 33 22.30 17.90 8.17
N VAL C 34 21.12 17.86 7.55
CA VAL C 34 19.90 17.60 8.30
C VAL C 34 19.42 16.18 8.00
N LYS C 35 19.01 15.47 9.06
CA LYS C 35 18.42 14.11 8.88
C LYS C 35 16.93 14.32 8.59
N LEU C 36 16.39 13.50 7.68
CA LEU C 36 15.02 13.65 7.19
C LEU C 36 14.26 12.35 7.34
N VAL C 37 12.96 12.46 7.59
CA VAL C 37 12.06 11.33 7.50
C VAL C 37 11.05 11.64 6.39
N LEU C 38 10.84 10.67 5.51
CA LEU C 38 9.80 10.81 4.47
C LEU C 38 8.84 9.63 4.65
N TRP C 39 7.56 9.96 4.81
CA TRP C 39 6.56 8.94 5.05
C TRP C 39 5.32 9.29 4.24
N ARG C 40 4.54 8.26 3.90
CA ARG C 40 3.27 8.41 3.20
C ARG C 40 2.21 7.62 3.93
N SER C 41 0.97 8.07 3.78
CA SER C 41 -0.36 7.48 4.12
C SER C 41 -0.45 6.12 3.42
N HIS C 42 -1.12 5.10 3.95
CA HIS C 42 -1.36 3.86 3.21
C HIS C 42 -2.29 4.06 2.01
N GLU C 43 -2.95 5.20 1.90
CA GLU C 43 -3.85 5.47 0.79
C GLU C 43 -3.09 5.55 -0.53
N GLN C 44 -3.68 5.04 -1.62
CA GLN C 44 -3.15 5.22 -2.96
C GLN C 44 -2.97 6.70 -3.23
N ASN C 45 -1.93 7.06 -3.97
CA ASN C 45 -1.68 8.50 -4.28
C ASN C 45 -1.64 9.41 -3.06
N SER C 46 -1.33 8.93 -1.84
CA SER C 46 -1.06 9.76 -0.67
C SER C 46 0.13 10.70 -0.96
N PRO C 47 0.15 11.92 -0.44
CA PRO C 47 1.35 12.76 -0.57
C PRO C 47 2.48 12.26 0.31
N ILE C 48 3.67 12.77 0.03
CA ILE C 48 4.87 12.48 0.81
C ILE C 48 5.11 13.63 1.78
N GLN C 49 5.22 13.31 3.08
CA GLN C 49 5.67 14.29 4.07
C GLN C 49 7.17 14.16 4.26
N VAL C 50 7.86 15.31 4.37
CA VAL C 50 9.30 15.33 4.61
C VAL C 50 9.56 16.19 5.84
N TRP C 51 10.02 15.57 6.92
CA TRP C 51 10.21 16.23 8.21
C TRP C 51 11.62 15.97 8.71
N GLN C 52 12.03 16.79 9.66
CA GLN C 52 13.29 16.48 10.37
C GLN C 52 13.01 15.22 11.18
N ASP C 53 13.93 14.26 11.15
CA ASP C 53 13.73 12.94 11.76
C ASP C 53 13.99 13.01 13.28
N TYR C 54 13.05 13.64 13.99
CA TYR C 54 13.27 13.96 15.41
C TYR C 54 11.94 14.14 16.13
N CYS C 55 11.66 13.34 17.16
CA CYS C 55 10.49 13.46 18.07
C CYS C 55 10.91 14.41 19.20
N PRO C 56 10.44 15.68 19.35
CA PRO C 56 10.91 16.63 20.38
C PRO C 56 10.48 16.29 21.80
N HIS C 57 9.74 15.22 22.01
CA HIS C 57 9.47 14.80 23.39
C HIS C 57 10.75 14.31 24.07
N ARG C 58 11.36 13.22 23.56
CA ARG C 58 12.60 12.72 24.14
C ARG C 58 13.69 12.44 23.11
N GLY C 59 13.60 13.01 21.91
CA GLY C 59 14.72 13.01 20.99
C GLY C 59 14.97 11.71 20.24
N VAL C 60 13.94 10.91 20.03
CA VAL C 60 14.10 9.68 19.25
C VAL C 60 13.75 9.97 17.80
N PRO C 61 14.32 9.22 16.84
CA PRO C 61 13.98 9.45 15.43
C PRO C 61 12.57 8.98 15.13
N LEU C 62 11.79 9.85 14.50
CA LEU C 62 10.45 9.42 14.12
C LEU C 62 10.47 8.30 13.08
N SER C 63 11.54 8.18 12.29
CA SER C 63 11.64 7.10 11.28
C SER C 63 11.66 5.71 11.88
N MET C 64 11.88 5.57 13.17
CA MET C 64 11.85 4.25 13.79
C MET C 64 10.44 3.84 14.21
N GLY C 65 9.45 4.69 13.99
CA GLY C 65 8.08 4.38 14.39
C GLY C 65 7.29 3.74 13.27
N GLU C 66 6.02 4.09 13.14
CA GLU C 66 5.06 3.44 12.25
C GLU C 66 4.13 4.47 11.61
N VAL C 67 3.53 4.13 10.49
CA VAL C 67 2.47 4.95 9.89
C VAL C 67 1.15 4.24 10.18
N ALA C 68 0.18 4.98 10.71
CA ALA C 68 -1.12 4.39 11.02
C ALA C 68 -2.19 5.48 11.04
N ASN C 69 -3.30 5.22 10.35
CA ASN C 69 -4.45 6.13 10.33
C ASN C 69 -4.05 7.54 9.92
N ASN C 70 -3.20 7.64 8.89
CA ASN C 70 -2.70 8.92 8.33
C ASN C 70 -1.89 9.73 9.35
N THR C 71 -1.19 9.05 10.26
CA THR C 71 -0.29 9.71 11.23
C THR C 71 1.03 8.95 11.27
N LEU C 72 2.08 9.68 11.61
CA LEU C 72 3.35 9.05 11.97
C LEU C 72 3.40 8.91 13.49
N VAL C 73 3.71 7.70 13.96
CA VAL C 73 3.73 7.42 15.43
C VAL C 73 5.16 7.12 15.89
N CYS C 74 5.66 7.97 16.78
N CYS C 74 5.57 7.90 16.87
CA CYS C 74 6.98 7.75 17.41
CA CYS C 74 6.90 7.84 17.52
C CYS C 74 6.81 6.50 18.28
C CYS C 74 7.13 6.44 18.09
N PRO C 75 7.68 5.48 18.15
N PRO C 75 8.37 5.92 18.02
CA PRO C 75 7.54 4.28 18.93
CA PRO C 75 8.65 4.59 18.56
C PRO C 75 7.88 4.44 20.41
C PRO C 75 9.00 4.53 20.05
N TYR C 76 8.55 5.54 20.83
CA TYR C 76 8.89 5.57 22.26
C TYR C 76 7.60 5.64 23.10
N HIS C 77 6.81 6.70 22.96
CA HIS C 77 5.56 6.84 23.72
C HIS C 77 4.33 6.91 22.84
N GLY C 78 4.45 6.62 21.55
CA GLY C 78 3.28 6.55 20.68
C GLY C 78 2.58 7.86 20.36
N TRP C 79 3.22 9.01 20.54
CA TRP C 79 2.59 10.26 20.10
C TRP C 79 2.34 10.20 18.60
N ARG C 80 1.21 10.78 18.17
CA ARG C 80 0.72 10.66 16.81
C ARG C 80 0.80 12.01 16.12
N TYR C 81 1.48 12.07 14.98
CA TYR C 81 1.74 13.33 14.29
C TYR C 81 0.98 13.31 12.98
N ASN C 82 0.20 14.35 12.73
CA ASN C 82 -0.61 14.31 11.51
C ASN C 82 0.23 14.78 10.31
N GLN C 83 -0.41 14.82 9.15
CA GLN C 83 0.26 15.19 7.88
C GLN C 83 0.96 16.53 8.01
N ALA C 84 0.38 17.45 8.73
CA ALA C 84 1.00 18.75 8.94
C ALA C 84 2.04 18.74 10.05
N GLY C 85 2.27 17.57 10.65
CA GLY C 85 3.26 17.43 11.74
C GLY C 85 2.63 17.67 13.10
N LYS C 86 1.40 18.18 13.11
CA LYS C 86 0.93 18.55 14.46
C LYS C 86 0.42 17.31 15.20
N CYS C 87 1.12 17.14 16.33
CA CYS C 87 0.80 15.95 17.15
C CYS C 87 -0.65 16.15 17.58
N VAL C 88 -1.46 15.12 17.41
CA VAL C 88 -2.91 15.27 17.71
C VAL C 88 -3.32 14.39 18.89
N GLN C 89 -2.43 13.48 19.33
CA GLN C 89 -2.88 12.63 20.42
C GLN C 89 -1.67 12.04 21.13
N ILE C 90 -1.74 12.02 22.46
CA ILE C 90 -0.77 11.39 23.34
C ILE C 90 -1.47 10.23 24.03
N PRO C 91 -1.06 8.97 23.78
CA PRO C 91 -1.75 7.83 24.40
C PRO C 91 -1.73 7.82 25.92
N ALA C 92 -0.73 8.40 26.57
CA ALA C 92 -0.74 8.40 28.03
C ALA C 92 -1.86 9.27 28.60
N HIS C 93 -2.33 10.27 27.86
CA HIS C 93 -3.43 11.15 28.28
C HIS C 93 -4.36 11.34 27.10
N PRO C 94 -5.17 10.34 26.77
CA PRO C 94 -5.83 10.33 25.46
C PRO C 94 -6.93 11.37 25.31
N ASP C 95 -7.47 11.92 26.40
CA ASP C 95 -8.46 12.98 26.32
C ASP C 95 -7.85 14.36 26.43
N MET C 96 -6.53 14.45 26.58
CA MET C 96 -5.84 15.72 26.74
C MET C 96 -5.47 16.25 25.37
N VAL C 97 -5.51 17.57 25.22
CA VAL C 97 -5.03 18.13 23.96
C VAL C 97 -3.51 18.30 24.05
N PRO C 98 -2.77 17.81 23.07
CA PRO C 98 -1.32 17.86 23.16
C PRO C 98 -0.83 19.30 23.16
N PRO C 99 0.28 19.58 23.85
CA PRO C 99 0.86 20.93 23.81
C PRO C 99 1.16 21.37 22.38
N ALA C 100 1.04 22.67 22.14
CA ALA C 100 1.20 23.21 20.80
C ALA C 100 2.64 23.10 20.31
N SER C 101 3.57 22.99 21.24
CA SER C 101 4.97 22.79 20.87
C SER C 101 5.27 21.36 20.41
N ALA C 102 4.33 20.43 20.58
CA ALA C 102 4.54 19.07 20.07
C ALA C 102 4.20 19.12 18.59
N GLN C 103 5.21 19.57 17.83
CA GLN C 103 5.10 19.83 16.40
C GLN C 103 6.40 19.35 15.79
N ALA C 104 6.28 18.54 14.74
CA ALA C 104 7.45 18.17 13.97
C ALA C 104 7.91 19.35 13.12
N LYS C 105 9.22 19.43 12.90
CA LYS C 105 9.72 20.41 11.94
C LYS C 105 9.50 19.82 10.54
N THR C 106 8.69 20.52 9.74
CA THR C 106 8.30 20.05 8.41
C THR C 106 8.99 20.87 7.31
N TYR C 107 9.12 20.28 6.14
CA TYR C 107 9.77 20.94 5.02
C TYR C 107 8.93 20.83 3.76
N HIS C 108 9.31 21.59 2.73
CA HIS C 108 8.54 21.56 1.49
C HIS C 108 8.96 20.36 0.63
N CYS C 109 7.98 19.63 0.12
CA CYS C 109 8.27 18.50 -0.75
C CYS C 109 7.40 18.59 -2.01
N GLN C 110 8.03 18.33 -3.17
CA GLN C 110 7.32 18.17 -4.43
C GLN C 110 7.83 16.91 -5.13
N GLU C 111 6.92 16.19 -5.76
CA GLU C 111 7.30 15.12 -6.66
C GLU C 111 7.34 15.66 -8.08
N ARG C 112 8.45 15.44 -8.77
CA ARG C 112 8.60 15.89 -10.16
C ARG C 112 9.56 14.95 -10.89
N TYR C 113 9.18 14.55 -12.09
CA TYR C 113 10.00 13.65 -12.93
C TYR C 113 10.27 12.32 -12.21
N GLY C 114 9.38 11.85 -11.36
CA GLY C 114 9.59 10.60 -10.67
C GLY C 114 10.55 10.71 -9.51
N LEU C 115 10.84 11.93 -9.07
CA LEU C 115 11.86 12.20 -8.09
C LEU C 115 11.23 13.00 -6.96
N VAL C 116 11.75 12.81 -5.75
CA VAL C 116 11.27 13.53 -4.58
C VAL C 116 12.19 14.72 -4.35
N TRP C 117 11.65 15.92 -4.55
CA TRP C 117 12.37 17.16 -4.37
C TRP C 117 12.01 17.76 -3.02
N VAL C 118 12.99 18.33 -2.36
CA VAL C 118 12.80 18.87 -1.02
C VAL C 118 13.48 20.23 -0.98
N CYS C 119 12.85 21.17 -0.28
CA CYS C 119 13.44 22.49 0.00
C CYS C 119 13.37 22.72 1.51
N LEU C 120 14.51 22.86 2.16
CA LEU C 120 14.48 23.03 3.60
C LEU C 120 14.19 24.46 4.01
N GLY C 121 14.15 25.39 3.05
CA GLY C 121 13.81 26.79 3.37
C GLY C 121 12.71 27.30 2.46
N ASN C 122 12.46 28.60 2.48
CA ASN C 122 11.37 29.05 1.59
C ASN C 122 11.88 28.95 0.17
N PRO C 123 11.16 28.13 -0.60
CA PRO C 123 11.53 27.84 -1.96
C PRO C 123 11.38 29.03 -2.91
N VAL C 124 12.43 29.80 -3.05
CA VAL C 124 12.45 30.91 -4.01
C VAL C 124 12.23 30.39 -5.43
N ASN C 125 13.19 29.60 -5.94
CA ASN C 125 13.27 29.14 -7.32
C ASN C 125 12.20 28.09 -7.62
N ASP C 126 12.15 27.71 -8.89
CA ASP C 126 11.42 26.54 -9.32
C ASP C 126 12.35 25.34 -9.43
N ILE C 127 11.74 24.15 -9.44
CA ILE C 127 12.43 22.93 -9.83
C ILE C 127 12.98 23.13 -11.23
N PRO C 128 14.17 22.66 -11.58
CA PRO C 128 14.68 22.89 -12.94
C PRO C 128 13.75 22.28 -13.98
N SER C 129 13.77 22.87 -15.16
CA SER C 129 13.00 22.37 -16.29
C SER C 129 13.62 21.10 -16.82
N PHE C 130 12.78 20.29 -17.46
CA PHE C 130 13.22 19.09 -18.15
C PHE C 130 12.24 18.85 -19.27
N PRO C 131 12.44 19.51 -20.41
CA PRO C 131 11.37 19.56 -21.44
C PRO C 131 10.95 18.21 -21.99
N GLU C 132 11.85 17.22 -22.04
CA GLU C 132 11.35 16.01 -22.68
C GLU C 132 10.58 15.09 -21.75
N TRP C 133 10.44 15.42 -20.45
CA TRP C 133 9.65 14.61 -19.54
C TRP C 133 8.29 14.19 -20.14
N ASP C 134 7.55 15.13 -20.72
CA ASP C 134 6.18 14.84 -21.20
C ASP C 134 6.15 14.44 -22.68
N ASP C 135 7.31 14.19 -23.29
CA ASP C 135 7.36 13.90 -24.72
C ASP C 135 7.26 12.39 -24.93
N PRO C 136 6.14 11.87 -25.44
CA PRO C 136 5.96 10.40 -25.51
C PRO C 136 6.86 9.72 -26.52
N ASN C 137 7.61 10.45 -27.33
CA ASN C 137 8.63 9.84 -28.17
C ASN C 137 9.89 9.48 -27.40
N TYR C 138 10.00 9.90 -26.14
CA TYR C 138 11.18 9.63 -25.32
C TYR C 138 10.83 8.62 -24.25
N HIS C 139 11.57 7.51 -24.22
CA HIS C 139 11.57 6.59 -23.08
C HIS C 139 12.43 7.14 -21.94
N LYS C 140 12.18 6.65 -20.74
CA LYS C 140 12.84 7.09 -19.51
C LYS C 140 13.50 5.92 -18.78
N THR C 141 14.63 6.18 -18.11
CA THR C 141 15.18 5.26 -17.13
C THR C 141 16.02 6.06 -16.12
N TYR C 142 16.29 5.41 -14.99
CA TYR C 142 16.94 6.04 -13.85
C TYR C 142 18.11 5.16 -13.45
N THR C 143 19.30 5.76 -13.28
CA THR C 143 20.40 5.06 -12.67
C THR C 143 20.08 4.75 -11.22
N LYS C 144 20.84 3.83 -10.65
CA LYS C 144 20.86 3.74 -9.20
C LYS C 144 21.45 5.03 -8.62
N SER C 145 21.29 5.21 -7.32
CA SER C 145 21.98 6.31 -6.67
C SER C 145 23.43 5.91 -6.35
N TYR C 146 24.33 6.89 -6.38
CA TYR C 146 25.74 6.67 -6.08
C TYR C 146 26.11 7.53 -4.90
N LEU C 147 26.54 6.90 -3.80
CA LEU C 147 27.02 7.62 -2.64
C LEU C 147 28.50 7.86 -2.86
N ILE C 148 28.91 9.12 -2.75
CA ILE C 148 30.25 9.54 -3.13
C ILE C 148 30.83 10.35 -1.99
N GLN C 149 32.07 10.02 -1.60
CA GLN C 149 32.81 10.74 -0.56
C GLN C 149 33.61 11.87 -1.19
N ALA C 150 32.86 12.85 -1.68
CA ALA C 150 33.39 14.10 -2.16
C ALA C 150 32.31 15.17 -1.96
N SER C 151 32.75 16.42 -1.92
CA SER C 151 31.87 17.56 -1.91
C SER C 151 30.91 17.51 -3.10
N PRO C 152 29.65 17.89 -2.94
CA PRO C 152 28.74 17.96 -4.12
C PRO C 152 29.27 18.86 -5.21
N PHE C 153 29.98 19.93 -4.84
CA PHE C 153 30.49 20.85 -5.85
C PHE C 153 31.68 20.27 -6.60
N ARG C 154 32.45 19.38 -5.98
CA ARG C 154 33.44 18.61 -6.74
C ARG C 154 32.76 17.67 -7.71
N VAL C 155 31.71 16.97 -7.25
CA VAL C 155 31.02 16.06 -8.17
C VAL C 155 30.54 16.83 -9.38
N MET C 156 29.96 18.02 -9.19
CA MET C 156 29.45 18.75 -10.34
C MET C 156 30.60 19.29 -11.18
N ASP C 157 31.69 19.76 -10.55
CA ASP C 157 32.78 20.24 -11.39
C ASP C 157 33.36 19.14 -12.27
N ASN C 158 33.52 17.92 -11.76
CA ASN C 158 33.94 16.81 -12.63
C ASN C 158 32.97 16.59 -13.79
N SER C 159 31.69 16.84 -13.55
N SER C 159 31.69 16.84 -13.55
CA SER C 159 30.63 16.62 -14.58
CA SER C 159 30.63 16.62 -14.58
C SER C 159 30.74 17.66 -15.70
C SER C 159 30.74 17.66 -15.70
N ILE C 160 31.27 18.84 -15.37
CA ILE C 160 31.41 19.93 -16.34
C ILE C 160 32.73 19.80 -17.09
N ASP C 161 33.72 19.16 -16.47
CA ASP C 161 35.00 18.89 -17.11
C ASP C 161 34.82 17.97 -18.31
N VAL C 162 35.29 18.39 -19.48
CA VAL C 162 35.22 17.46 -20.60
C VAL C 162 36.60 17.03 -21.09
N SER C 163 37.68 17.66 -20.63
CA SER C 163 39.01 17.29 -21.11
C SER C 163 39.53 16.00 -20.47
N HIS C 164 38.82 15.42 -19.50
CA HIS C 164 39.26 14.16 -18.94
C HIS C 164 38.77 12.95 -19.74
N PHE C 165 37.89 13.16 -20.73
CA PHE C 165 37.32 12.05 -21.51
C PHE C 165 38.36 11.10 -22.10
N PRO C 166 39.41 11.55 -22.79
CA PRO C 166 40.37 10.59 -23.37
C PRO C 166 41.19 9.80 -22.38
N PHE C 167 41.19 10.14 -21.09
CA PHE C 167 42.06 9.45 -20.13
C PHE C 167 41.27 8.56 -19.19
N ILE C 168 40.43 9.10 -18.32
CA ILE C 168 39.75 8.16 -17.42
C ILE C 168 38.54 7.52 -18.06
N HIS C 169 38.10 7.99 -19.23
CA HIS C 169 37.04 7.31 -19.96
C HIS C 169 37.57 6.73 -21.26
N GLU C 170 38.88 6.52 -21.35
CA GLU C 170 39.48 5.84 -22.48
C GLU C 170 38.76 4.53 -22.74
N GLY C 171 38.42 4.34 -24.01
CA GLY C 171 37.72 3.14 -24.48
C GLY C 171 36.26 3.42 -24.70
N ILE C 172 35.74 4.53 -24.17
CA ILE C 172 34.32 4.78 -24.45
C ILE C 172 34.11 6.24 -24.85
N LEU C 173 34.80 7.19 -24.25
CA LEU C 173 34.68 8.61 -24.60
C LEU C 173 35.98 9.17 -25.17
N GLY C 174 36.82 8.30 -25.72
CA GLY C 174 38.03 8.78 -26.41
C GLY C 174 39.25 7.88 -26.23
N ASP C 175 40.41 8.35 -26.68
CA ASP C 175 41.69 7.64 -26.44
C ASP C 175 42.79 8.66 -26.29
N ARG C 176 43.86 8.29 -25.57
CA ARG C 176 45.02 9.18 -25.27
C ARG C 176 45.53 9.83 -26.57
N ASN C 177 45.82 9.02 -27.60
CA ASN C 177 46.34 9.53 -28.90
C ASN C 177 45.50 10.71 -29.38
N HIS C 178 44.17 10.54 -29.42
CA HIS C 178 43.24 11.66 -29.87
C HIS C 178 42.76 12.57 -28.70
N ALA C 179 43.54 13.50 -28.13
CA ALA C 179 43.11 14.14 -26.89
C ALA C 179 43.03 15.66 -26.96
N GLU C 180 43.34 16.24 -28.11
CA GLU C 180 43.28 17.73 -28.14
C GLU C 180 41.84 18.18 -27.92
N VAL C 181 41.69 19.29 -27.21
CA VAL C 181 40.37 19.89 -26.92
C VAL C 181 40.24 21.14 -27.77
N GLU C 182 39.11 21.24 -28.47
CA GLU C 182 38.70 22.39 -29.31
C GLU C 182 38.34 23.55 -28.38
N ASP C 183 38.45 24.80 -28.81
CA ASP C 183 38.05 25.76 -27.75
C ASP C 183 36.52 25.72 -27.61
N LEU C 184 36.15 25.87 -26.36
CA LEU C 184 34.74 25.64 -25.96
C LEU C 184 33.93 26.92 -25.89
N GLU C 185 32.62 26.81 -26.02
CA GLU C 185 31.87 28.02 -25.70
C GLU C 185 31.08 27.76 -24.42
N VAL C 186 31.32 28.71 -23.54
CA VAL C 186 30.86 28.82 -22.16
C VAL C 186 30.07 30.11 -22.02
N LYS C 187 28.86 30.15 -21.48
CA LYS C 187 28.09 31.34 -21.17
C LYS C 187 27.66 31.27 -19.71
N VAL C 188 27.74 32.36 -18.95
CA VAL C 188 27.09 32.44 -17.65
C VAL C 188 26.25 33.71 -17.68
N ASP C 189 24.99 33.55 -18.09
CA ASP C 189 24.02 34.64 -18.15
C ASP C 189 22.96 34.39 -17.07
N LYS C 190 21.78 34.94 -17.34
CA LYS C 190 20.53 34.83 -16.55
C LYS C 190 20.07 33.37 -16.47
N ASP C 191 20.36 32.58 -17.48
CA ASP C 191 19.93 31.19 -17.60
C ASP C 191 20.80 30.24 -16.78
N GLY C 192 21.81 30.76 -16.09
CA GLY C 192 22.80 29.93 -15.44
C GLY C 192 24.02 29.75 -16.32
N LEU C 193 24.60 28.56 -16.32
CA LEU C 193 25.81 28.25 -17.04
C LEU C 193 25.48 27.31 -18.19
N THR C 194 25.93 27.65 -19.40
CA THR C 194 25.63 26.87 -20.59
C THR C 194 26.94 26.58 -21.31
N MET C 195 27.18 25.33 -21.64
CA MET C 195 28.29 24.99 -22.50
C MET C 195 27.75 24.64 -23.88
N GLY C 196 28.23 25.37 -24.88
CA GLY C 196 27.70 25.25 -26.23
C GLY C 196 28.09 23.92 -26.85
N LYS C 197 27.50 23.66 -28.02
CA LYS C 197 27.73 22.37 -28.67
C LYS C 197 29.22 22.08 -28.86
N TYR C 198 29.62 20.86 -28.48
CA TYR C 198 31.03 20.40 -28.60
C TYR C 198 31.04 18.93 -29.05
N GLN C 199 31.75 18.64 -30.15
CA GLN C 199 31.95 17.30 -30.76
C GLN C 199 32.67 16.38 -29.77
N VAL C 200 32.32 15.09 -29.66
CA VAL C 200 33.04 14.15 -28.78
C VAL C 200 33.50 13.02 -29.67
N HIS C 201 34.79 12.72 -29.75
CA HIS C 201 35.32 11.59 -30.50
C HIS C 201 35.00 10.33 -29.72
N THR C 202 34.08 9.46 -30.08
CA THR C 202 33.92 8.26 -29.24
C THR C 202 34.83 7.15 -29.73
N SER C 203 34.93 6.10 -28.95
CA SER C 203 35.76 4.99 -29.39
C SER C 203 34.91 4.03 -30.19
N LYS C 204 35.49 3.54 -31.28
CA LYS C 204 34.89 2.55 -32.17
C LYS C 204 34.48 1.31 -31.37
N PHE C 205 33.24 0.86 -31.42
CA PHE C 205 32.88 -0.47 -30.97
C PHE C 205 32.45 -1.36 -32.12
N ASN C 206 31.42 -0.94 -32.88
CA ASN C 206 30.87 -1.76 -33.96
C ASN C 206 31.52 -1.35 -35.27
N ASN C 207 32.30 -2.26 -35.88
CA ASN C 207 32.98 -1.94 -37.13
C ASN C 207 32.06 -2.00 -38.35
N SER C 208 30.91 -2.68 -38.26
CA SER C 208 30.01 -2.59 -39.40
C SER C 208 29.37 -1.21 -39.50
N THR C 209 29.30 -0.48 -38.39
CA THR C 209 28.59 0.81 -38.33
C THR C 209 29.50 2.01 -38.53
N LYS C 210 28.95 3.13 -39.00
CA LYS C 210 29.45 4.51 -39.16
C LYS C 210 30.04 4.99 -37.83
N ASP C 211 31.04 5.88 -37.77
CA ASP C 211 31.46 6.48 -36.48
C ASP C 211 30.26 7.23 -35.89
N ASP C 212 30.06 7.07 -34.57
CA ASP C 212 28.90 7.68 -33.86
C ASP C 212 28.89 9.20 -34.06
N SER C 213 30.02 9.85 -33.84
CA SER C 213 30.12 11.32 -33.98
C SER C 213 29.06 12.00 -33.12
N MET C 214 29.30 11.89 -31.82
CA MET C 214 28.57 12.48 -30.66
C MET C 214 28.67 14.01 -30.62
N VAL C 215 27.60 14.79 -30.40
CA VAL C 215 27.59 16.26 -30.14
C VAL C 215 26.87 16.56 -28.82
N ASN C 216 27.51 17.25 -27.89
CA ASN C 216 26.82 17.46 -26.62
C ASN C 216 26.75 18.94 -26.31
N TRP C 217 25.74 19.25 -25.51
CA TRP C 217 25.68 20.53 -24.82
C TRP C 217 24.95 20.31 -23.49
N PHE C 218 25.15 21.23 -22.54
CA PHE C 218 24.46 21.10 -21.27
C PHE C 218 24.18 22.47 -20.66
N ARG C 219 23.23 22.51 -19.75
CA ARG C 219 22.95 23.75 -19.02
C ARG C 219 22.77 23.42 -17.55
N LEU C 220 23.25 24.31 -16.69
CA LEU C 220 22.88 24.30 -15.27
C LEU C 220 22.17 25.61 -14.94
N SER C 221 20.92 25.50 -14.51
CA SER C 221 20.18 26.64 -14.01
C SER C 221 20.37 26.85 -12.52
N HIS C 222 20.60 25.70 -11.88
CA HIS C 222 20.88 25.42 -10.45
C HIS C 222 22.35 24.97 -10.37
N PRO C 223 23.10 25.15 -9.25
CA PRO C 223 24.48 24.66 -9.26
C PRO C 223 24.65 23.16 -9.02
N LEU C 224 23.62 22.43 -8.57
CA LEU C 224 23.74 20.98 -8.35
C LEU C 224 22.78 20.17 -9.19
N CYS C 225 22.28 20.75 -10.27
CA CYS C 225 21.47 20.02 -11.22
C CYS C 225 21.90 20.42 -12.62
N GLN C 226 22.11 19.42 -13.46
CA GLN C 226 22.64 19.62 -14.81
C GLN C 226 21.78 18.94 -15.88
N TYR C 227 21.42 19.71 -16.88
CA TYR C 227 20.66 19.20 -18.02
C TYR C 227 21.63 19.03 -19.19
N CYS C 228 21.77 17.80 -19.68
N CYS C 228 21.75 17.81 -19.69
CA CYS C 228 22.70 17.49 -20.75
CA CYS C 228 22.71 17.50 -20.75
C CYS C 228 21.95 16.99 -21.98
C CYS C 228 21.99 16.94 -21.97
N SER C 229 22.40 17.41 -23.15
CA SER C 229 21.81 16.93 -24.39
C SER C 229 22.91 16.37 -25.28
N THR C 230 22.67 15.16 -25.78
CA THR C 230 23.61 14.28 -26.52
C THR C 230 23.03 13.86 -27.88
N GLU C 231 23.37 14.41 -29.04
CA GLU C 231 22.91 13.92 -30.35
C GLU C 231 23.90 12.90 -30.86
N ALA C 232 23.42 11.70 -31.19
CA ALA C 232 24.25 10.60 -31.63
C ALA C 232 24.17 10.47 -33.15
N SER C 233 24.52 9.31 -33.68
CA SER C 233 24.36 9.04 -35.14
C SER C 233 22.88 9.05 -35.56
N GLU C 234 22.06 8.27 -34.89
CA GLU C 234 20.63 8.38 -35.25
C GLU C 234 19.87 8.37 -33.93
N MET C 235 20.26 9.13 -32.90
CA MET C 235 19.54 9.03 -31.59
C MET C 235 19.83 10.24 -30.69
N ARG C 236 18.78 10.90 -30.17
CA ARG C 236 18.99 11.95 -29.18
C ARG C 236 18.79 11.39 -27.77
N THR C 237 19.73 11.70 -26.89
CA THR C 237 19.61 11.29 -25.50
C THR C 237 19.81 12.51 -24.60
N VAL C 238 18.91 12.65 -23.64
CA VAL C 238 18.93 13.76 -22.71
C VAL C 238 19.01 13.19 -21.30
N ASP C 239 19.58 13.96 -20.39
CA ASP C 239 19.58 13.49 -19.01
C ASP C 239 19.57 14.68 -18.07
N LEU C 240 18.93 14.46 -16.94
CA LEU C 240 18.90 15.37 -15.81
C LEU C 240 19.81 14.75 -14.76
N MET C 241 20.95 15.39 -14.51
CA MET C 241 21.85 14.90 -13.49
C MET C 241 21.64 15.70 -12.21
N VAL C 242 21.45 14.95 -11.14
CA VAL C 242 21.02 15.59 -9.91
C VAL C 242 21.92 15.07 -8.78
N VAL C 243 22.48 16.02 -8.02
CA VAL C 243 23.46 15.84 -6.96
C VAL C 243 22.82 16.19 -5.62
N THR C 244 22.60 15.31 -4.67
CA THR C 244 22.12 15.66 -3.34
C THR C 244 23.31 16.06 -2.48
N PRO C 245 23.34 17.25 -1.91
CA PRO C 245 24.43 17.60 -0.98
C PRO C 245 24.17 17.06 0.43
N ILE C 246 24.67 15.86 0.75
CA ILE C 246 24.47 15.29 2.09
C ILE C 246 25.01 16.24 3.14
N ASP C 247 26.26 16.65 2.95
CA ASP C 247 26.94 17.66 3.76
C ASP C 247 28.07 18.24 2.91
N GLU C 248 29.01 18.93 3.56
CA GLU C 248 30.06 19.58 2.79
C GLU C 248 31.00 18.61 2.08
N ASP C 249 31.04 17.34 2.50
CA ASP C 249 32.08 16.41 2.06
C ASP C 249 31.54 15.15 1.42
N ASN C 250 30.21 14.97 1.39
CA ASN C 250 29.56 13.77 0.91
C ASN C 250 28.38 14.15 0.01
N SER C 251 28.09 13.28 -0.97
CA SER C 251 27.13 13.55 -2.05
C SER C 251 26.40 12.28 -2.43
N VAL C 252 25.19 12.43 -2.98
CA VAL C 252 24.55 11.36 -3.74
C VAL C 252 24.34 11.86 -5.18
N LEU C 253 24.69 11.01 -6.14
CA LEU C 253 24.55 11.29 -7.56
C LEU C 253 23.45 10.40 -8.14
N ARG C 254 22.53 11.01 -8.90
CA ARG C 254 21.50 10.28 -9.64
C ARG C 254 21.34 10.92 -11.01
N TYR C 255 20.97 10.09 -11.99
CA TYR C 255 20.62 10.54 -13.33
C TYR C 255 19.22 10.07 -13.70
N LEU C 256 18.46 10.96 -14.35
CA LEU C 256 17.27 10.59 -15.08
C LEU C 256 17.61 10.71 -16.57
N ILE C 257 17.53 9.59 -17.28
CA ILE C 257 17.99 9.52 -18.67
C ILE C 257 16.78 9.32 -19.59
N MET C 258 16.77 10.03 -20.70
CA MET C 258 15.69 9.86 -21.66
C MET C 258 16.29 9.82 -23.06
N TRP C 259 15.66 9.03 -23.94
CA TRP C 259 16.19 8.87 -25.29
C TRP C 259 15.03 8.54 -26.22
N ASN C 260 15.18 8.91 -27.49
CA ASN C 260 14.11 8.67 -28.46
C ASN C 260 14.38 7.48 -29.38
N GLY C 261 15.41 6.68 -29.10
CA GLY C 261 15.66 5.44 -29.82
C GLY C 261 14.83 4.28 -29.29
N SER C 262 15.25 3.00 -29.75
CA SER C 262 14.42 1.88 -29.32
C SER C 262 14.64 1.62 -27.84
N LYS C 263 13.54 1.23 -27.20
CA LYS C 263 13.43 1.00 -25.75
C LYS C 263 14.33 -0.16 -25.31
N THR C 264 14.76 -0.98 -26.26
CA THR C 264 15.63 -2.15 -25.98
C THR C 264 17.04 -1.71 -25.50
N LEU C 265 17.48 -0.49 -25.78
CA LEU C 265 18.79 0.04 -25.35
C LEU C 265 18.83 0.33 -23.85
N GLU C 266 17.74 0.19 -23.12
CA GLU C 266 17.84 0.72 -21.77
C GLU C 266 18.91 0.00 -20.96
N SER C 267 19.13 -1.31 -21.15
CA SER C 267 20.22 -1.97 -20.41
C SER C 267 21.58 -1.43 -20.83
N LYS C 268 21.79 -1.20 -22.13
CA LYS C 268 22.96 -0.61 -22.78
C LYS C 268 23.34 0.72 -22.11
N ILE C 269 22.30 1.52 -21.96
CA ILE C 269 22.47 2.88 -21.50
C ILE C 269 22.87 2.90 -20.02
N LEU C 270 22.16 2.12 -19.20
CA LEU C 270 22.46 1.99 -17.78
C LEU C 270 23.88 1.50 -17.55
N ALA C 271 24.27 0.46 -18.25
CA ALA C 271 25.62 -0.10 -18.07
C ALA C 271 26.68 0.90 -18.51
N ASP C 272 26.43 1.62 -19.59
CA ASP C 272 27.43 2.60 -20.07
C ASP C 272 27.55 3.78 -19.10
N TYR C 273 26.45 4.25 -18.53
CA TYR C 273 26.51 5.33 -17.54
C TYR C 273 27.27 4.83 -16.30
N ASP C 274 27.02 3.61 -15.89
CA ASP C 274 27.65 3.05 -14.70
C ASP C 274 29.18 3.00 -14.84
N GLN C 275 29.66 2.54 -15.99
CA GLN C 275 31.10 2.44 -16.20
C GLN C 275 31.77 3.82 -16.19
N VAL C 276 31.16 4.81 -16.82
CA VAL C 276 31.82 6.11 -16.76
C VAL C 276 31.63 6.75 -15.39
N ILE C 277 30.52 6.53 -14.68
CA ILE C 277 30.39 7.12 -13.35
C ILE C 277 31.42 6.52 -12.40
N GLU C 278 31.67 5.23 -12.50
CA GLU C 278 32.60 4.63 -11.56
C GLU C 278 34.03 5.09 -11.83
N GLU C 279 34.35 5.37 -13.10
CA GLU C 279 35.68 5.91 -13.34
C GLU C 279 35.79 7.34 -12.84
N ASP C 280 34.73 8.14 -12.88
CA ASP C 280 34.79 9.46 -12.28
C ASP C 280 34.86 9.38 -10.75
N ILE C 281 34.17 8.40 -10.13
CA ILE C 281 34.16 8.32 -8.67
C ILE C 281 35.55 7.99 -8.14
N ARG C 282 36.32 7.19 -8.89
CA ARG C 282 37.72 6.86 -8.52
C ARG C 282 38.49 8.18 -8.40
N ILE C 283 38.30 9.07 -9.39
CA ILE C 283 39.02 10.34 -9.33
C ILE C 283 38.49 11.22 -8.20
N LEU C 284 37.16 11.33 -8.09
CA LEU C 284 36.55 12.20 -7.09
C LEU C 284 36.97 11.82 -5.67
N HIS C 285 37.04 10.51 -5.41
CA HIS C 285 37.37 9.98 -4.06
C HIS C 285 38.81 10.27 -3.63
N SER C 286 39.69 10.64 -4.57
CA SER C 286 41.08 10.90 -4.26
C SER C 286 41.43 12.38 -4.25
N GLN C 287 40.56 13.25 -4.76
CA GLN C 287 40.94 14.65 -4.95
C GLN C 287 41.09 15.36 -3.62
N GLN C 288 42.10 16.23 -3.55
CA GLN C 288 42.49 16.98 -2.37
C GLN C 288 42.69 18.44 -2.75
N PRO C 289 42.17 19.40 -1.97
CA PRO C 289 41.32 19.17 -0.77
C PRO C 289 39.97 18.66 -1.19
N THR C 290 39.19 18.12 -0.27
CA THR C 290 37.95 17.49 -0.71
C THR C 290 36.85 18.49 -1.03
N ARG C 291 36.90 19.69 -0.47
CA ARG C 291 36.01 20.76 -0.88
C ARG C 291 36.55 21.43 -2.14
N LEU C 292 35.65 21.97 -2.95
CA LEU C 292 36.05 22.52 -4.24
C LEU C 292 36.76 23.85 -4.05
N PRO C 293 38.00 24.02 -4.52
CA PRO C 293 38.67 25.33 -4.39
C PRO C 293 38.05 26.35 -5.35
N LEU C 294 37.74 27.52 -4.85
CA LEU C 294 37.24 28.60 -5.68
C LEU C 294 38.40 29.50 -6.09
N LEU C 295 38.12 30.41 -7.02
CA LEU C 295 39.20 31.13 -7.71
C LEU C 295 39.84 32.19 -6.81
N GLY C 304 48.66 25.28 2.70
CA GLY C 304 49.30 23.97 2.48
C GLY C 304 49.48 23.63 1.01
N LEU C 305 48.39 23.19 0.37
CA LEU C 305 48.40 22.74 -1.05
C LEU C 305 48.50 23.93 -2.02
N PRO C 306 49.22 23.78 -3.14
CA PRO C 306 49.30 24.82 -4.14
C PRO C 306 47.93 25.04 -4.79
N GLN C 307 47.63 26.27 -5.12
CA GLN C 307 46.39 26.65 -5.75
C GLN C 307 46.23 25.90 -7.07
N GLU C 308 44.99 25.77 -7.54
CA GLU C 308 44.75 25.01 -8.75
C GLU C 308 45.16 25.84 -9.97
N ILE C 309 45.61 25.14 -11.02
CA ILE C 309 46.04 25.72 -12.28
C ILE C 309 44.90 25.61 -13.27
N HIS C 310 44.78 26.60 -14.15
CA HIS C 310 43.76 26.55 -15.19
C HIS C 310 44.39 26.77 -16.56
N VAL C 311 44.02 25.94 -17.52
CA VAL C 311 44.45 26.12 -18.90
C VAL C 311 43.20 26.36 -19.74
N PRO C 312 43.33 26.67 -21.04
CA PRO C 312 42.13 27.04 -21.82
C PRO C 312 41.01 26.00 -21.85
N SER C 313 41.33 24.70 -21.88
CA SER C 313 40.38 23.59 -21.80
C SER C 313 39.50 23.65 -20.55
N ASP C 314 39.95 24.37 -19.51
CA ASP C 314 39.22 24.48 -18.25
C ASP C 314 38.22 25.63 -18.24
N ARG C 315 37.93 26.18 -19.41
CA ARG C 315 37.07 27.39 -19.50
C ARG C 315 35.77 27.13 -18.74
N CYS C 316 35.10 26.02 -19.06
CA CYS C 316 33.79 25.67 -18.43
C CYS C 316 33.95 25.60 -16.91
N THR C 317 34.86 24.74 -16.42
CA THR C 317 35.10 24.58 -14.96
C THR C 317 35.29 25.95 -14.29
N VAL C 318 36.21 26.77 -14.83
CA VAL C 318 36.47 28.10 -14.27
C VAL C 318 35.19 28.89 -14.13
N ALA C 319 34.37 28.91 -15.19
CA ALA C 319 33.10 29.62 -15.12
C ALA C 319 32.25 29.09 -13.97
N TYR C 320 32.31 27.77 -13.70
CA TYR C 320 31.54 27.21 -12.61
C TYR C 320 32.00 27.75 -11.27
N ARG C 321 33.30 27.80 -11.06
CA ARG C 321 33.82 28.34 -9.80
C ARG C 321 33.45 29.83 -9.66
N ARG C 322 33.53 30.57 -10.76
CA ARG C 322 33.16 31.99 -10.66
C ARG C 322 31.68 32.14 -10.33
N TRP C 323 30.82 31.36 -10.99
CA TRP C 323 29.40 31.33 -10.67
C TRP C 323 29.13 31.03 -9.21
N LEU C 324 29.86 30.08 -8.62
CA LEU C 324 29.61 29.74 -7.21
C LEU C 324 29.91 30.92 -6.30
N LYS C 325 30.97 31.69 -6.59
CA LYS C 325 31.26 32.86 -5.77
C LYS C 325 30.18 33.95 -5.94
N GLU C 326 29.77 34.23 -7.19
CA GLU C 326 28.63 35.12 -7.42
C GLU C 326 27.44 34.74 -6.54
N LEU C 327 27.08 33.45 -6.55
CA LEU C 327 25.99 32.96 -5.73
C LEU C 327 26.30 33.02 -4.24
N GLY C 328 27.54 33.29 -3.84
CA GLY C 328 27.89 33.32 -2.44
C GLY C 328 28.04 31.97 -1.76
N VAL C 329 28.24 30.89 -2.51
CA VAL C 329 28.41 29.56 -1.90
C VAL C 329 29.67 29.55 -1.06
N THR C 330 29.53 29.19 0.23
CA THR C 330 30.65 28.92 1.12
C THR C 330 30.61 27.52 1.73
N TYR C 331 29.55 26.76 1.47
CA TYR C 331 29.36 25.41 1.97
C TYR C 331 29.87 24.42 0.92
N GLY C 332 30.76 23.52 1.34
CA GLY C 332 31.30 22.55 0.41
C GLY C 332 32.39 23.09 -0.49
N VAL C 333 32.86 24.30 -0.23
CA VAL C 333 33.91 24.96 -1.07
C VAL C 333 35.04 25.48 -0.19
N CYS C 334 36.18 25.84 -0.77
CA CYS C 334 37.30 26.36 0.07
C CYS C 334 38.13 27.41 -0.68
#